data_1UES
#
_entry.id   1UES
#
_cell.length_a   71.68
_cell.length_b   95.12
_cell.length_c   98.75
_cell.angle_alpha   90.00
_cell.angle_beta   90.00
_cell.angle_gamma   90.00
#
_symmetry.space_group_name_H-M   'P 21 21 21'
#
loop_
_entity.id
_entity.type
_entity.pdbx_description
1 polymer 'superoxide dismutase'
2 non-polymer 'MANGANESE (II) ION'
3 water water
#
_entity_poly.entity_id   1
_entity_poly.type   'polypeptide(L)'
_entity_poly.pdbx_seq_one_letter_code
;MTHELISLPYAVDALAPVISKETVEFHHGKHLKTYVDNLNKLIIGTEFENADLNTIVQKSEGGIFNNAGQTLNHNLYFTQ
FRPGKGGAPKGKLGEAIDKQFGSFEKFKEEFNTAGTTLFGSGWVWLASDANGKLSIEKEPNAGNPVRKGLNPLLTFDVWE
HAYYLTYQNRRADHLKDLWSIVDWDIVESRY
;
_entity_poly.pdbx_strand_id   A,B,C,D
#
loop_
_chem_comp.id
_chem_comp.type
_chem_comp.name
_chem_comp.formula
MN non-polymer 'MANGANESE (II) ION' 'Mn 2'
#
# COMPACT_ATOMS: atom_id res chain seq x y z
N MET A 1 7.63 3.97 -8.75
CA MET A 1 9.08 4.13 -8.38
C MET A 1 9.46 3.02 -7.42
N THR A 2 10.74 2.65 -7.42
CA THR A 2 11.20 1.60 -6.52
C THR A 2 12.06 2.28 -5.46
N HIS A 3 11.60 2.32 -4.22
CA HIS A 3 12.44 2.96 -3.22
C HIS A 3 13.57 1.99 -2.88
N GLU A 4 14.73 2.58 -2.69
CA GLU A 4 15.95 1.86 -2.43
C GLU A 4 16.40 1.76 -0.98
N LEU A 5 17.19 0.73 -0.71
CA LEU A 5 17.82 0.59 0.60
C LEU A 5 19.10 1.42 0.37
N ILE A 6 19.26 2.51 1.09
CA ILE A 6 20.43 3.33 0.90
C ILE A 6 21.78 2.62 1.17
N SER A 7 22.78 3.01 0.41
CA SER A 7 24.10 2.44 0.59
C SER A 7 24.70 3.37 1.65
N LEU A 8 25.42 2.83 2.62
CA LEU A 8 26.02 3.65 3.67
C LEU A 8 27.27 4.35 3.17
N PRO A 9 27.51 5.60 3.61
CA PRO A 9 28.66 6.40 3.22
C PRO A 9 29.94 6.08 3.99
N TYR A 10 29.89 5.01 4.77
CA TYR A 10 31.02 4.54 5.58
C TYR A 10 30.95 3.03 5.75
N ALA A 11 32.04 2.44 6.23
CA ALA A 11 32.14 1.00 6.46
C ALA A 11 31.16 0.63 7.57
N VAL A 12 30.63 -0.59 7.53
CA VAL A 12 29.64 -0.98 8.56
C VAL A 12 30.13 -0.98 10.00
N ASP A 13 31.45 -0.94 10.21
CA ASP A 13 31.95 -0.92 11.58
C ASP A 13 32.48 0.46 11.94
N ALA A 14 32.28 1.44 11.05
CA ALA A 14 32.80 2.78 11.27
C ALA A 14 32.23 3.56 12.47
N LEU A 15 31.03 3.23 12.93
CA LEU A 15 30.41 3.92 14.08
C LEU A 15 30.51 3.16 15.40
N ALA A 16 31.22 2.02 15.39
CA ALA A 16 31.40 1.23 16.61
C ALA A 16 32.27 2.10 17.53
N PRO A 17 32.00 2.06 18.84
CA PRO A 17 31.00 1.26 19.56
C PRO A 17 29.59 1.81 19.73
N VAL A 18 29.40 3.06 19.37
CA VAL A 18 28.13 3.77 19.55
C VAL A 18 26.98 3.11 18.78
N ILE A 19 27.26 2.71 17.54
CA ILE A 19 26.34 1.95 16.73
C ILE A 19 27.32 0.90 16.20
N SER A 20 27.29 -0.28 16.83
CA SER A 20 28.19 -1.38 16.53
C SER A 20 27.96 -1.95 15.15
N LYS A 21 28.92 -2.74 14.71
CA LYS A 21 28.84 -3.37 13.40
C LYS A 21 27.59 -4.27 13.38
N GLU A 22 27.34 -4.96 14.49
CA GLU A 22 26.20 -5.85 14.58
C GLU A 22 24.90 -5.03 14.50
N THR A 23 24.88 -3.89 15.19
CA THR A 23 23.69 -3.05 15.13
C THR A 23 23.48 -2.52 13.71
N VAL A 24 24.52 -2.07 13.04
CA VAL A 24 24.35 -1.60 11.66
C VAL A 24 23.79 -2.74 10.79
N GLU A 25 24.33 -3.95 10.96
CA GLU A 25 23.84 -5.10 10.18
C GLU A 25 22.31 -5.33 10.36
N PHE A 26 21.78 -5.24 11.57
CA PHE A 26 20.35 -5.43 11.74
C PHE A 26 19.54 -4.16 11.48
N HIS A 27 20.03 -3.04 12.00
CA HIS A 27 19.30 -1.78 11.88
C HIS A 27 19.16 -1.34 10.43
N HIS A 28 20.29 -1.25 9.75
CA HIS A 28 20.29 -0.87 8.35
C HIS A 28 19.97 -2.06 7.45
N GLY A 29 20.68 -3.18 7.62
CA GLY A 29 20.44 -4.32 6.77
C GLY A 29 19.10 -5.05 6.86
N LYS A 30 18.45 -5.03 8.02
CA LYS A 30 17.20 -5.74 8.17
C LYS A 30 16.00 -4.82 8.41
N HIS A 31 16.06 -3.96 9.42
CA HIS A 31 14.93 -3.06 9.67
C HIS A 31 14.65 -2.12 8.53
N LEU A 32 15.67 -1.39 8.09
CA LEU A 32 15.44 -0.45 6.99
C LEU A 32 15.04 -1.19 5.71
N LYS A 33 15.67 -2.31 5.41
CA LYS A 33 15.27 -3.07 4.25
C LYS A 33 13.77 -3.43 4.33
N THR A 34 13.30 -3.84 5.51
CA THR A 34 11.90 -4.18 5.67
C THR A 34 10.98 -2.97 5.43
N TYR A 35 11.39 -1.81 5.93
CA TYR A 35 10.59 -0.59 5.75
C TYR A 35 10.48 -0.25 4.26
N VAL A 36 11.60 -0.35 3.55
CA VAL A 36 11.66 -0.05 2.13
C VAL A 36 10.81 -1.06 1.34
N ASP A 37 10.94 -2.35 1.67
CA ASP A 37 10.15 -3.37 0.98
C ASP A 37 8.65 -3.20 1.21
N ASN A 38 8.26 -2.94 2.46
CA ASN A 38 6.86 -2.76 2.77
C ASN A 38 6.34 -1.51 2.09
N LEU A 39 7.16 -0.44 2.07
CA LEU A 39 6.70 0.77 1.45
C LEU A 39 6.48 0.52 -0.04
N ASN A 40 7.41 -0.19 -0.67
CA ASN A 40 7.28 -0.46 -2.11
C ASN A 40 6.02 -1.28 -2.41
N LYS A 41 5.63 -2.17 -1.51
CA LYS A 41 4.43 -2.96 -1.77
C LYS A 41 3.15 -2.17 -1.52
N LEU A 42 3.13 -1.43 -0.42
CA LEU A 42 1.94 -0.69 -0.07
C LEU A 42 1.56 0.46 -0.97
N ILE A 43 2.51 1.02 -1.72
CA ILE A 43 2.14 2.15 -2.54
C ILE A 43 1.59 1.76 -3.90
N ILE A 44 1.74 0.49 -4.26
CA ILE A 44 1.19 0.02 -5.52
C ILE A 44 -0.34 0.20 -5.49
N GLY A 45 -0.88 0.86 -6.50
CA GLY A 45 -2.33 1.05 -6.57
C GLY A 45 -2.84 2.25 -5.82
N THR A 46 -1.93 3.10 -5.33
CA THR A 46 -2.34 4.30 -4.61
C THR A 46 -1.82 5.53 -5.35
N GLU A 47 -2.20 6.72 -4.87
CA GLU A 47 -1.74 7.96 -5.49
C GLU A 47 -0.23 8.22 -5.29
N PHE A 48 0.43 7.37 -4.52
CA PHE A 48 1.85 7.53 -4.26
C PHE A 48 2.75 6.64 -5.12
N GLU A 49 2.15 5.96 -6.08
CA GLU A 49 2.87 5.06 -6.97
C GLU A 49 4.13 5.66 -7.57
N ASN A 50 4.03 6.89 -8.03
CA ASN A 50 5.17 7.53 -8.65
C ASN A 50 5.72 8.72 -7.90
N ALA A 51 5.31 8.86 -6.63
CA ALA A 51 5.73 9.96 -5.79
C ALA A 51 7.11 9.79 -5.18
N ASP A 52 7.77 10.91 -4.90
CA ASP A 52 9.08 10.83 -4.26
C ASP A 52 8.83 10.59 -2.77
N LEU A 53 9.82 10.07 -2.09
CA LEU A 53 9.65 9.77 -0.67
C LEU A 53 9.15 10.95 0.14
N ASN A 54 9.76 12.10 -0.06
CA ASN A 54 9.34 13.28 0.66
C ASN A 54 7.85 13.59 0.52
N THR A 55 7.32 13.43 -0.69
CA THR A 55 5.89 13.68 -0.94
C THR A 55 5.05 12.67 -0.17
N ILE A 56 5.47 11.41 -0.18
CA ILE A 56 4.69 10.41 0.53
C ILE A 56 4.68 10.69 2.04
N VAL A 57 5.79 11.14 2.60
CA VAL A 57 5.81 11.42 4.03
C VAL A 57 4.96 12.63 4.38
N GLN A 58 4.92 13.61 3.49
CA GLN A 58 4.10 14.82 3.74
C GLN A 58 2.60 14.57 3.60
N LYS A 59 2.22 13.60 2.79
CA LYS A 59 0.79 13.38 2.53
C LYS A 59 0.13 12.09 2.96
N SER A 60 0.88 11.00 3.05
CA SER A 60 0.27 9.74 3.39
C SER A 60 -0.16 9.55 4.83
N GLU A 61 -0.88 8.46 5.05
CA GLU A 61 -1.35 8.08 6.38
C GLU A 61 -1.26 6.57 6.57
N GLY A 62 -1.68 6.09 7.74
CA GLY A 62 -1.69 4.66 8.01
C GLY A 62 -0.39 3.90 7.78
N GLY A 63 -0.51 2.70 7.21
CA GLY A 63 0.65 1.84 6.98
C GLY A 63 1.67 2.45 6.02
N ILE A 64 1.17 3.13 4.99
CA ILE A 64 2.03 3.77 4.03
C ILE A 64 2.85 4.83 4.74
N PHE A 65 2.20 5.65 5.55
CA PHE A 65 2.97 6.65 6.26
C PHE A 65 3.98 6.01 7.20
N ASN A 66 3.58 4.97 7.93
CA ASN A 66 4.52 4.33 8.86
C ASN A 66 5.80 3.86 8.16
N ASN A 67 5.67 3.30 6.96
CA ASN A 67 6.87 2.83 6.29
C ASN A 67 7.62 3.94 5.60
N ALA A 68 6.89 4.94 5.08
CA ALA A 68 7.51 6.08 4.41
C ALA A 68 8.31 6.88 5.45
N GLY A 69 7.64 7.23 6.56
CA GLY A 69 8.26 8.00 7.62
C GLY A 69 9.50 7.30 8.12
N GLN A 70 9.41 5.98 8.32
CA GLN A 70 10.56 5.22 8.80
C GLN A 70 11.69 5.22 7.77
N THR A 71 11.35 5.10 6.48
CA THR A 71 12.39 5.12 5.46
C THR A 71 13.09 6.47 5.47
N LEU A 72 12.33 7.55 5.47
CA LEU A 72 12.96 8.85 5.48
C LEU A 72 13.78 9.11 6.75
N ASN A 73 13.23 8.74 7.90
CA ASN A 73 13.92 8.95 9.15
C ASN A 73 15.27 8.22 9.12
N HIS A 74 15.27 6.97 8.69
CA HIS A 74 16.52 6.22 8.69
C HIS A 74 17.49 6.75 7.66
N ASN A 75 17.00 7.19 6.52
CA ASN A 75 17.88 7.72 5.50
C ASN A 75 18.67 8.90 6.02
N LEU A 76 17.99 9.82 6.72
CA LEU A 76 18.66 10.97 7.30
C LEU A 76 19.54 10.56 8.49
N TYR A 77 19.04 9.62 9.29
CA TYR A 77 19.78 9.19 10.45
C TYR A 77 21.13 8.56 10.07
N PHE A 78 21.13 7.58 9.19
CA PHE A 78 22.42 6.97 8.88
C PHE A 78 23.34 7.91 8.14
N THR A 79 22.80 8.80 7.33
CA THR A 79 23.72 9.66 6.59
C THR A 79 24.33 10.81 7.37
N GLN A 80 23.91 11.02 8.62
CA GLN A 80 24.45 12.15 9.34
C GLN A 80 25.64 11.80 10.22
N PHE A 81 25.99 10.53 10.25
CA PHE A 81 27.10 10.05 11.08
C PHE A 81 28.37 9.75 10.32
N ARG A 82 29.52 9.95 10.98
CA ARG A 82 30.82 9.65 10.42
C ARG A 82 31.81 9.44 11.52
N PRO A 83 32.84 8.61 11.27
CA PRO A 83 33.86 8.40 12.29
C PRO A 83 34.81 9.61 12.18
N GLY A 84 35.59 9.84 13.22
CA GLY A 84 36.53 10.95 13.24
C GLY A 84 35.88 12.32 13.24
N LYS A 85 34.64 12.39 13.67
CA LYS A 85 33.93 13.66 13.65
C LYS A 85 33.41 14.03 15.03
N GLY A 86 32.13 14.40 15.09
CA GLY A 86 31.53 14.81 16.36
C GLY A 86 31.91 16.25 16.60
N GLY A 87 32.41 16.54 17.80
CA GLY A 87 32.78 17.92 18.09
C GLY A 87 31.60 18.84 18.11
N ALA A 88 31.84 20.14 17.97
CA ALA A 88 30.75 21.10 18.02
C ALA A 88 30.36 21.70 16.67
N PRO A 89 29.09 22.07 16.52
CA PRO A 89 28.62 22.67 15.27
C PRO A 89 29.24 24.05 15.11
N LYS A 90 29.33 24.50 13.88
CA LYS A 90 29.89 25.82 13.60
C LYS A 90 29.06 26.51 12.53
N GLY A 91 29.58 27.62 12.01
CA GLY A 91 28.84 28.33 10.99
C GLY A 91 27.52 28.88 11.47
N LYS A 92 26.56 28.97 10.57
CA LYS A 92 25.26 29.50 10.93
C LYS A 92 24.52 28.57 11.89
N LEU A 93 24.66 27.27 11.70
CA LEU A 93 23.98 26.35 12.61
C LEU A 93 24.56 26.51 14.01
N GLY A 94 25.88 26.53 14.12
CA GLY A 94 26.49 26.69 15.43
C GLY A 94 26.01 27.96 16.12
N GLU A 95 25.99 29.06 15.38
CA GLU A 95 25.52 30.32 15.94
C GLU A 95 24.03 30.30 16.26
N ALA A 96 23.24 29.60 15.44
CA ALA A 96 21.80 29.51 15.66
C ALA A 96 21.53 28.72 16.95
N ILE A 97 22.30 27.66 17.16
CA ILE A 97 22.16 26.84 18.36
C ILE A 97 22.57 27.66 19.59
N ASP A 98 23.66 28.40 19.49
CA ASP A 98 24.14 29.23 20.60
C ASP A 98 23.09 30.31 20.93
N LYS A 99 22.64 31.01 19.90
CA LYS A 99 21.66 32.06 20.12
C LYS A 99 20.34 31.52 20.65
N GLN A 100 19.86 30.42 20.08
CA GLN A 100 18.56 29.90 20.48
C GLN A 100 18.51 28.97 21.69
N PHE A 101 19.63 28.33 22.05
CA PHE A 101 19.64 27.42 23.20
C PHE A 101 20.63 27.89 24.26
N GLY A 102 21.41 28.91 23.93
CA GLY A 102 22.40 29.43 24.86
C GLY A 102 23.79 28.96 24.52
N SER A 103 23.96 27.64 24.44
CA SER A 103 25.24 27.03 24.16
C SER A 103 25.01 25.66 23.57
N PHE A 104 26.05 25.08 22.99
CA PHE A 104 25.94 23.74 22.45
C PHE A 104 25.66 22.75 23.59
N GLU A 105 26.36 22.93 24.72
CA GLU A 105 26.19 22.03 25.87
C GLU A 105 24.76 21.99 26.38
N LYS A 106 24.16 23.17 26.51
CA LYS A 106 22.80 23.27 26.97
C LYS A 106 21.86 22.61 25.95
N PHE A 107 22.17 22.78 24.67
CA PHE A 107 21.35 22.18 23.64
C PHE A 107 21.38 20.66 23.77
N LYS A 108 22.57 20.11 23.95
CA LYS A 108 22.69 18.66 24.06
C LYS A 108 21.88 18.17 25.25
N GLU A 109 21.95 18.91 26.35
CA GLU A 109 21.19 18.53 27.53
C GLU A 109 19.69 18.45 27.21
N GLU A 110 19.14 19.46 26.55
CA GLU A 110 17.72 19.46 26.23
C GLU A 110 17.34 18.39 25.22
N PHE A 111 18.21 18.18 24.24
CA PHE A 111 17.95 17.18 23.21
C PHE A 111 17.95 15.79 23.86
N ASN A 112 18.98 15.50 24.64
CA ASN A 112 19.07 14.23 25.33
C ASN A 112 17.82 14.01 26.21
N THR A 113 17.38 15.07 26.90
CA THR A 113 16.23 14.93 27.76
C THR A 113 14.97 14.61 26.98
N ALA A 114 14.80 15.25 25.83
CA ALA A 114 13.65 15.00 24.97
C ALA A 114 13.67 13.54 24.49
N GLY A 115 14.86 13.03 24.19
CA GLY A 115 14.99 11.67 23.73
C GLY A 115 14.71 10.66 24.80
N THR A 116 15.22 10.95 26.00
CA THR A 116 15.02 10.06 27.14
C THR A 116 13.57 10.02 27.62
N THR A 117 12.86 11.16 27.57
CA THR A 117 11.49 11.20 28.05
C THR A 117 10.43 10.81 27.02
N LEU A 118 10.85 10.48 25.80
CA LEU A 118 9.89 10.06 24.78
C LEU A 118 9.44 8.65 25.15
N PHE A 119 8.16 8.48 25.45
CA PHE A 119 7.67 7.16 25.86
C PHE A 119 7.41 6.25 24.69
N GLY A 120 8.00 5.05 24.73
CA GLY A 120 7.80 4.10 23.64
C GLY A 120 8.76 4.35 22.50
N SER A 121 8.37 3.94 21.30
CA SER A 121 9.22 4.11 20.12
C SER A 121 9.11 5.49 19.49
N GLY A 122 10.20 5.97 18.90
CA GLY A 122 10.11 7.25 18.25
C GLY A 122 11.45 7.85 17.92
N TRP A 123 11.43 9.16 17.64
CA TRP A 123 12.61 9.93 17.24
C TRP A 123 12.63 11.30 17.88
N VAL A 124 13.82 11.78 18.25
CA VAL A 124 13.90 13.16 18.75
C VAL A 124 14.54 13.86 17.53
N TRP A 125 13.95 14.98 17.13
CA TRP A 125 14.41 15.72 15.97
C TRP A 125 14.80 17.16 16.26
N LEU A 126 15.86 17.63 15.61
CA LEU A 126 16.23 19.03 15.67
C LEU A 126 15.70 19.46 14.30
N ALA A 127 14.83 20.47 14.28
CA ALA A 127 14.25 20.93 13.03
C ALA A 127 14.31 22.46 12.92
N SER A 128 14.21 22.98 11.69
CA SER A 128 14.20 24.43 11.52
C SER A 128 13.01 24.84 10.65
N ASP A 129 12.54 26.08 10.80
CA ASP A 129 11.47 26.56 9.95
C ASP A 129 12.16 27.34 8.83
N ALA A 130 11.38 27.99 7.96
CA ALA A 130 11.98 28.72 6.84
C ALA A 130 12.82 29.92 7.27
N ASN A 131 12.67 30.37 8.51
CA ASN A 131 13.45 31.51 8.98
C ASN A 131 14.66 31.10 9.82
N GLY A 132 14.92 29.79 9.88
CA GLY A 132 16.05 29.30 10.65
C GLY A 132 15.77 29.08 12.12
N LYS A 133 14.52 29.25 12.55
CA LYS A 133 14.20 29.04 13.96
C LYS A 133 14.27 27.55 14.22
N LEU A 134 14.97 27.18 15.29
CA LEU A 134 15.16 25.79 15.64
C LEU A 134 14.18 25.32 16.69
N SER A 135 13.84 24.04 16.61
CA SER A 135 12.94 23.44 17.59
C SER A 135 13.35 22.01 17.80
N ILE A 136 13.05 21.50 18.99
CA ILE A 136 13.32 20.10 19.28
C ILE A 136 11.93 19.48 19.19
N GLU A 137 11.78 18.51 18.31
CA GLU A 137 10.50 17.83 18.10
C GLU A 137 10.54 16.39 18.57
N LYS A 138 9.56 15.97 19.34
CA LYS A 138 9.48 14.58 19.79
C LYS A 138 8.50 13.91 18.83
N GLU A 139 8.98 12.91 18.09
CA GLU A 139 8.14 12.24 17.10
C GLU A 139 7.90 10.78 17.43
N PRO A 140 6.70 10.46 17.97
CA PRO A 140 6.44 9.06 18.28
C PRO A 140 6.40 8.21 17.01
N ASN A 141 6.82 6.96 17.17
CA ASN A 141 6.81 6.00 16.10
C ASN A 141 7.46 6.43 14.80
N ALA A 142 6.70 6.70 13.74
CA ALA A 142 7.32 7.08 12.47
C ALA A 142 7.37 8.56 12.13
N GLY A 143 6.99 9.42 13.09
CA GLY A 143 6.96 10.84 12.85
C GLY A 143 8.21 11.47 12.30
N ASN A 144 8.01 12.53 11.52
CA ASN A 144 9.10 13.28 10.93
C ASN A 144 8.62 14.73 10.77
N PRO A 145 9.47 15.72 11.09
CA PRO A 145 9.17 17.15 11.00
C PRO A 145 8.61 17.59 9.67
N VAL A 146 8.94 16.86 8.61
CA VAL A 146 8.42 17.22 7.29
C VAL A 146 6.90 17.15 7.26
N ARG A 147 6.30 16.36 8.15
CA ARG A 147 4.85 16.27 8.13
C ARG A 147 4.24 17.59 8.64
N LYS A 148 5.09 18.47 9.18
CA LYS A 148 4.68 19.76 9.74
C LYS A 148 5.25 20.93 8.93
N GLY A 149 5.86 20.64 7.80
CA GLY A 149 6.45 21.67 6.97
C GLY A 149 7.84 22.11 7.42
N LEU A 150 8.35 21.49 8.47
CA LEU A 150 9.67 21.83 9.01
C LEU A 150 10.81 21.10 8.32
N ASN A 151 12.02 21.64 8.50
CA ASN A 151 13.22 21.08 7.91
C ASN A 151 13.93 20.17 8.90
N PRO A 152 14.06 18.86 8.59
CA PRO A 152 14.72 17.92 9.51
C PRO A 152 16.24 18.02 9.47
N LEU A 153 16.87 18.39 10.60
CA LEU A 153 18.32 18.56 10.62
C LEU A 153 19.13 17.45 11.24
N LEU A 154 18.72 17.03 12.44
CA LEU A 154 19.45 15.99 13.15
C LEU A 154 18.45 15.13 13.92
N THR A 155 18.59 13.81 13.84
CA THR A 155 17.68 12.98 14.62
C THR A 155 18.37 11.87 15.38
N PHE A 156 17.84 11.56 16.56
CA PHE A 156 18.32 10.43 17.33
C PHE A 156 17.14 9.42 17.33
N ASP A 157 17.40 8.19 16.91
CA ASP A 157 16.38 7.14 16.87
C ASP A 157 16.27 6.56 18.27
N VAL A 158 15.07 6.60 18.88
CA VAL A 158 14.93 6.02 20.20
C VAL A 158 14.07 4.77 20.19
N TRP A 159 13.93 4.21 18.99
CA TRP A 159 13.28 2.91 18.87
C TRP A 159 14.36 2.05 19.56
N GLU A 160 13.93 1.13 20.42
CA GLU A 160 14.91 0.31 21.13
C GLU A 160 15.88 -0.46 20.25
N HIS A 161 15.47 -0.85 19.05
CA HIS A 161 16.38 -1.58 18.17
C HIS A 161 17.64 -0.76 17.79
N ALA A 162 17.59 0.56 17.96
CA ALA A 162 18.71 1.40 17.62
C ALA A 162 19.85 1.26 18.60
N TYR A 163 19.57 0.74 19.79
CA TYR A 163 20.63 0.72 20.79
C TYR A 163 20.61 -0.48 21.71
N TYR A 164 19.57 -1.29 21.65
CA TYR A 164 19.48 -2.36 22.62
C TYR A 164 20.63 -3.38 22.65
N LEU A 165 21.20 -3.68 21.50
CA LEU A 165 22.25 -4.69 21.49
C LEU A 165 23.46 -4.27 22.27
N THR A 166 23.73 -2.98 22.29
CA THR A 166 24.91 -2.45 23.00
C THR A 166 24.60 -1.83 24.36
N TYR A 167 23.48 -1.11 24.46
CA TYR A 167 23.10 -0.38 25.67
C TYR A 167 21.94 -0.92 26.48
N GLN A 168 21.24 -1.90 25.90
CA GLN A 168 20.05 -2.44 26.53
C GLN A 168 19.13 -1.30 27.00
N ASN A 169 18.74 -1.27 28.27
CA ASN A 169 17.81 -0.22 28.69
C ASN A 169 18.40 1.17 28.89
N ARG A 170 19.72 1.26 28.75
CA ARG A 170 20.42 2.53 28.94
C ARG A 170 20.28 3.52 27.77
N ARG A 171 19.05 3.96 27.49
CA ARG A 171 18.81 4.88 26.39
C ARG A 171 19.59 6.19 26.56
N ALA A 172 19.58 6.77 27.76
CA ALA A 172 20.31 8.01 28.00
C ALA A 172 21.79 7.91 27.68
N ASP A 173 22.42 6.81 28.07
CA ASP A 173 23.84 6.63 27.80
C ASP A 173 24.09 6.56 26.29
N HIS A 174 23.16 5.94 25.55
CA HIS A 174 23.31 5.85 24.10
C HIS A 174 23.24 7.23 23.50
N LEU A 175 22.28 8.04 23.95
CA LEU A 175 22.13 9.38 23.42
C LEU A 175 23.37 10.21 23.68
N LYS A 176 23.92 10.06 24.88
CA LYS A 176 25.12 10.85 25.18
C LYS A 176 26.27 10.47 24.23
N ASP A 177 26.35 9.21 23.83
CA ASP A 177 27.39 8.76 22.94
C ASP A 177 27.14 9.13 21.48
N LEU A 178 25.88 9.38 21.10
CA LEU A 178 25.62 9.68 19.71
C LEU A 178 26.32 10.94 19.28
N TRP A 179 26.51 11.86 20.22
CA TRP A 179 27.17 13.11 19.85
C TRP A 179 28.55 12.93 19.26
N SER A 180 29.23 11.87 19.67
CA SER A 180 30.57 11.59 19.20
C SER A 180 30.64 11.16 17.74
N ILE A 181 29.52 10.75 17.14
CA ILE A 181 29.55 10.35 15.72
C ILE A 181 28.79 11.30 14.79
N VAL A 182 28.25 12.37 15.33
CA VAL A 182 27.53 13.31 14.49
C VAL A 182 28.51 14.09 13.63
N ASP A 183 28.26 14.13 12.32
CA ASP A 183 29.11 14.91 11.42
C ASP A 183 28.38 16.24 11.27
N TRP A 184 28.82 17.26 11.99
CA TRP A 184 28.14 18.54 11.91
C TRP A 184 28.19 19.20 10.53
N ASP A 185 29.15 18.80 9.69
CA ASP A 185 29.22 19.35 8.35
C ASP A 185 28.00 18.93 7.56
N ILE A 186 27.54 17.71 7.81
CA ILE A 186 26.36 17.22 7.12
C ILE A 186 25.11 17.87 7.70
N VAL A 187 25.00 17.94 9.02
CA VAL A 187 23.82 18.56 9.60
C VAL A 187 23.73 20.00 9.16
N GLU A 188 24.85 20.71 9.19
CA GLU A 188 24.87 22.12 8.80
C GLU A 188 24.37 22.28 7.37
N SER A 189 24.75 21.34 6.50
CA SER A 189 24.32 21.40 5.11
C SER A 189 22.80 21.31 4.95
N ARG A 190 22.11 20.69 5.91
CA ARG A 190 20.66 20.56 5.85
C ARG A 190 19.96 21.83 6.31
N TYR A 191 20.71 22.70 6.97
CA TYR A 191 20.18 23.96 7.52
C TYR A 191 20.22 25.17 6.57
N MET B 1 -0.80 4.32 47.54
CA MET B 1 -0.47 2.93 47.09
C MET B 1 0.96 2.85 46.59
N THR B 2 1.69 1.80 46.98
CA THR B 2 3.07 1.61 46.56
C THR B 2 3.41 0.12 46.38
N HIS B 3 3.56 -0.27 45.12
CA HIS B 3 3.81 -1.66 44.73
C HIS B 3 5.25 -2.12 44.65
N GLU B 4 5.43 -3.41 44.37
CA GLU B 4 6.76 -3.99 44.28
C GLU B 4 7.05 -4.75 42.99
N LEU B 5 8.26 -5.27 42.91
CA LEU B 5 8.70 -6.04 41.76
C LEU B 5 8.34 -7.50 42.01
N ILE B 6 7.40 -8.01 41.23
CA ILE B 6 6.96 -9.39 41.38
C ILE B 6 8.09 -10.40 41.29
N SER B 7 7.93 -11.52 41.96
CA SER B 7 8.96 -12.56 41.95
C SER B 7 8.71 -13.51 40.78
N LEU B 8 9.77 -13.86 40.07
CA LEU B 8 9.64 -14.78 38.96
C LEU B 8 9.48 -16.20 39.50
N PRO B 9 8.46 -16.93 39.02
CA PRO B 9 8.21 -18.30 39.48
C PRO B 9 9.13 -19.34 38.84
N TYR B 10 10.14 -18.89 38.10
CA TYR B 10 11.09 -19.80 37.46
C TYR B 10 12.47 -19.18 37.47
N ALA B 11 13.49 -19.98 37.14
CA ALA B 11 14.88 -19.52 37.11
C ALA B 11 14.99 -18.57 35.93
N VAL B 12 15.95 -17.63 35.98
CA VAL B 12 16.08 -16.65 34.91
C VAL B 12 16.46 -17.21 33.56
N ASP B 13 17.05 -18.41 33.54
CA ASP B 13 17.45 -19.04 32.29
C ASP B 13 16.47 -20.14 31.85
N ALA B 14 15.35 -20.22 32.53
CA ALA B 14 14.34 -21.25 32.27
C ALA B 14 13.56 -21.17 30.95
N LEU B 15 13.52 -19.98 30.36
CA LEU B 15 12.76 -19.83 29.12
C LEU B 15 13.58 -19.79 27.84
N ALA B 16 14.87 -20.07 27.96
CA ALA B 16 15.74 -20.11 26.80
C ALA B 16 15.20 -21.21 25.87
N PRO B 17 15.26 -20.97 24.56
CA PRO B 17 15.79 -19.77 23.94
C PRO B 17 14.73 -18.69 23.65
N VAL B 18 13.47 -18.94 24.01
CA VAL B 18 12.41 -17.96 23.71
C VAL B 18 12.58 -16.63 24.43
N ILE B 19 12.94 -16.66 25.70
CA ILE B 19 13.21 -15.44 26.42
C ILE B 19 14.48 -15.86 27.14
N SER B 20 15.59 -15.27 26.73
CA SER B 20 16.89 -15.61 27.28
C SER B 20 17.14 -15.13 28.70
N LYS B 21 18.18 -15.69 29.29
CA LYS B 21 18.57 -15.34 30.64
C LYS B 21 18.84 -13.82 30.73
N GLU B 22 19.58 -13.29 29.77
CA GLU B 22 19.88 -11.87 29.79
C GLU B 22 18.62 -11.03 29.64
N THR B 23 17.70 -11.48 28.79
CA THR B 23 16.48 -10.73 28.59
C THR B 23 15.65 -10.69 29.87
N VAL B 24 15.53 -11.81 30.56
CA VAL B 24 14.76 -11.81 31.78
C VAL B 24 15.40 -10.82 32.75
N GLU B 25 16.71 -10.95 32.93
CA GLU B 25 17.44 -10.06 33.81
C GLU B 25 17.22 -8.58 33.50
N PHE B 26 17.26 -8.20 32.22
CA PHE B 26 17.03 -6.80 31.85
C PHE B 26 15.55 -6.44 31.85
N HIS B 27 14.74 -7.32 31.26
CA HIS B 27 13.30 -7.07 31.15
C HIS B 27 12.61 -7.00 32.51
N HIS B 28 12.83 -8.04 33.31
CA HIS B 28 12.25 -8.08 34.65
C HIS B 28 13.07 -7.22 35.60
N GLY B 29 14.36 -7.50 35.67
CA GLY B 29 15.24 -6.78 36.59
C GLY B 29 15.49 -5.29 36.45
N LYS B 30 15.41 -4.77 35.22
CA LYS B 30 15.63 -3.35 34.99
C LYS B 30 14.41 -2.62 34.49
N HIS B 31 13.84 -3.08 33.39
CA HIS B 31 12.66 -2.41 32.84
C HIS B 31 11.49 -2.39 33.81
N LEU B 32 11.07 -3.57 34.25
CA LEU B 32 9.96 -3.63 35.17
C LEU B 32 10.29 -2.90 36.48
N LYS B 33 11.51 -3.07 37.01
CA LYS B 33 11.89 -2.36 38.24
C LYS B 33 11.67 -0.86 38.05
N THR B 34 12.07 -0.32 36.91
CA THR B 34 11.90 1.10 36.66
C THR B 34 10.43 1.51 36.61
N TYR B 35 9.60 0.66 36.02
CA TYR B 35 8.17 0.99 35.95
C TYR B 35 7.62 1.03 37.37
N VAL B 36 8.00 0.03 38.17
CA VAL B 36 7.54 -0.09 39.56
C VAL B 36 8.00 1.11 40.39
N ASP B 37 9.29 1.44 40.32
CA ASP B 37 9.81 2.57 41.09
C ASP B 37 9.17 3.89 40.65
N ASN B 38 8.94 4.03 39.35
CA ASN B 38 8.32 5.24 38.83
C ASN B 38 6.88 5.34 39.29
N LEU B 39 6.20 4.20 39.32
CA LEU B 39 4.81 4.17 39.75
C LEU B 39 4.72 4.63 41.21
N ASN B 40 5.59 4.07 42.05
CA ASN B 40 5.60 4.40 43.47
C ASN B 40 5.88 5.88 43.70
N LYS B 41 6.77 6.43 42.88
CA LYS B 41 7.12 7.83 43.02
C LYS B 41 5.99 8.73 42.54
N LEU B 42 5.16 8.21 41.65
CA LEU B 42 4.08 9.01 41.11
C LEU B 42 2.74 8.93 41.82
N ILE B 43 2.50 7.88 42.62
CA ILE B 43 1.22 7.80 43.29
C ILE B 43 1.01 9.08 44.10
N ILE B 44 2.00 9.41 44.92
CA ILE B 44 1.95 10.60 45.77
C ILE B 44 1.47 11.88 45.09
N GLY B 45 0.45 12.50 45.68
CA GLY B 45 -0.09 13.75 45.14
C GLY B 45 -1.36 13.68 44.33
N THR B 46 -1.78 12.50 43.90
CA THR B 46 -3.00 12.38 43.10
C THR B 46 -4.10 11.55 43.77
N GLU B 47 -5.13 11.22 42.99
CA GLU B 47 -6.29 10.45 43.45
C GLU B 47 -6.03 8.96 43.45
N PHE B 48 -5.32 8.50 42.42
CA PHE B 48 -4.98 7.09 42.26
C PHE B 48 -3.92 6.68 43.26
N GLU B 49 -3.43 7.67 44.01
CA GLU B 49 -2.41 7.43 45.02
C GLU B 49 -2.66 6.07 45.66
N ASN B 50 -3.74 5.97 46.43
CA ASN B 50 -4.10 4.73 47.11
C ASN B 50 -5.20 3.96 46.36
N ALA B 51 -4.77 3.03 45.50
CA ALA B 51 -5.68 2.20 44.71
C ALA B 51 -4.92 0.99 44.21
N ASP B 52 -5.51 -0.19 44.29
CA ASP B 52 -4.84 -1.41 43.82
C ASP B 52 -4.50 -1.28 42.33
N LEU B 53 -3.50 -2.03 41.87
CA LEU B 53 -3.04 -1.95 40.48
C LEU B 53 -4.12 -1.84 39.39
N ASN B 54 -5.04 -2.80 39.35
CA ASN B 54 -6.10 -2.80 38.35
C ASN B 54 -6.84 -1.46 38.30
N THR B 55 -7.25 -0.96 39.46
CA THR B 55 -7.97 0.31 39.55
C THR B 55 -7.12 1.47 39.04
N ILE B 56 -5.87 1.50 39.48
CA ILE B 56 -5.00 2.59 39.03
C ILE B 56 -4.99 2.59 37.51
N VAL B 57 -4.77 1.42 36.92
CA VAL B 57 -4.72 1.31 35.47
C VAL B 57 -6.01 1.78 34.81
N GLN B 58 -7.15 1.29 35.28
CA GLN B 58 -8.40 1.70 34.66
C GLN B 58 -8.81 3.13 34.98
N LYS B 59 -8.26 3.70 36.05
CA LYS B 59 -8.62 5.06 36.45
C LYS B 59 -7.60 6.18 36.19
N SER B 60 -6.31 5.83 36.11
CA SER B 60 -5.29 6.86 35.92
C SER B 60 -5.04 7.38 34.51
N GLU B 61 -4.14 8.35 34.40
CA GLU B 61 -3.80 8.95 33.11
C GLU B 61 -2.35 9.45 33.06
N GLY B 62 -1.91 9.84 31.86
CA GLY B 62 -0.56 10.33 31.68
C GLY B 62 0.53 9.39 32.14
N GLY B 63 1.55 9.95 32.79
CA GLY B 63 2.65 9.16 33.28
C GLY B 63 2.25 8.10 34.29
N ILE B 64 1.30 8.42 35.16
CA ILE B 64 0.87 7.46 36.16
C ILE B 64 0.28 6.22 35.48
N PHE B 65 -0.49 6.45 34.43
CA PHE B 65 -1.10 5.36 33.69
C PHE B 65 -0.01 4.60 32.96
N ASN B 66 0.93 5.34 32.38
CA ASN B 66 2.01 4.70 31.65
C ASN B 66 2.75 3.70 32.50
N ASN B 67 3.08 4.08 33.74
CA ASN B 67 3.81 3.18 34.60
C ASN B 67 2.96 2.10 35.25
N ALA B 68 1.68 2.38 35.52
CA ALA B 68 0.80 1.39 36.15
C ALA B 68 0.44 0.33 35.11
N GLY B 69 0.11 0.80 33.92
CA GLY B 69 -0.24 -0.06 32.80
C GLY B 69 0.93 -0.97 32.47
N GLN B 70 2.15 -0.43 32.44
CA GLN B 70 3.28 -1.29 32.15
C GLN B 70 3.57 -2.27 33.27
N THR B 71 3.34 -1.86 34.52
CA THR B 71 3.62 -2.77 35.63
C THR B 71 2.64 -3.92 35.55
N LEU B 72 1.37 -3.59 35.34
CA LEU B 72 0.35 -4.63 35.25
C LEU B 72 0.57 -5.53 34.03
N ASN B 73 0.93 -4.93 32.90
CA ASN B 73 1.21 -5.71 31.70
C ASN B 73 2.31 -6.70 31.96
N HIS B 74 3.40 -6.25 32.57
CA HIS B 74 4.52 -7.15 32.82
C HIS B 74 4.24 -8.22 33.87
N ASN B 75 3.50 -7.85 34.90
CA ASN B 75 3.17 -8.81 35.94
C ASN B 75 2.41 -9.98 35.34
N LEU B 76 1.41 -9.67 34.52
CA LEU B 76 0.62 -10.69 33.86
C LEU B 76 1.45 -11.46 32.84
N TYR B 77 2.29 -10.74 32.11
CA TYR B 77 3.15 -11.32 31.12
C TYR B 77 4.12 -12.34 31.71
N PHE B 78 4.88 -11.95 32.73
CA PHE B 78 5.88 -12.88 33.29
C PHE B 78 5.30 -14.10 33.96
N THR B 79 4.17 -13.92 34.62
CA THR B 79 3.51 -15.01 35.36
C THR B 79 2.69 -15.97 34.49
N GLN B 80 2.46 -15.62 33.23
CA GLN B 80 1.69 -16.51 32.38
C GLN B 80 2.58 -17.55 31.70
N PHE B 81 3.89 -17.45 31.89
CA PHE B 81 4.79 -18.39 31.26
C PHE B 81 5.34 -19.40 32.25
N ARG B 82 5.74 -20.54 31.71
CA ARG B 82 6.30 -21.59 32.52
C ARG B 82 7.05 -22.51 31.61
N PRO B 83 8.23 -22.94 32.07
CA PRO B 83 8.98 -23.86 31.21
C PRO B 83 8.17 -25.15 31.21
N GLY B 84 8.15 -25.86 30.10
CA GLY B 84 7.42 -27.12 30.04
C GLY B 84 5.92 -27.08 29.88
N LYS B 85 5.34 -25.91 29.62
CA LYS B 85 3.90 -25.83 29.43
C LYS B 85 3.58 -25.83 27.93
N GLY B 86 2.93 -24.77 27.47
CA GLY B 86 2.57 -24.68 26.07
C GLY B 86 1.39 -25.60 25.83
N GLY B 87 1.30 -26.18 24.63
CA GLY B 87 0.19 -27.07 24.34
C GLY B 87 -1.06 -26.28 23.98
N ALA B 88 -2.23 -26.82 24.28
CA ALA B 88 -3.47 -26.15 23.95
C ALA B 88 -4.37 -25.89 25.15
N PRO B 89 -5.17 -24.82 25.09
CA PRO B 89 -6.06 -24.51 26.20
C PRO B 89 -7.21 -25.52 26.25
N LYS B 90 -7.74 -25.76 27.44
CA LYS B 90 -8.82 -26.70 27.62
C LYS B 90 -9.98 -26.02 28.35
N GLY B 91 -11.01 -26.79 28.70
CA GLY B 91 -12.14 -26.23 29.41
C GLY B 91 -12.90 -25.14 28.68
N LYS B 92 -13.52 -24.26 29.46
CA LYS B 92 -14.33 -23.17 28.92
C LYS B 92 -13.55 -22.28 27.95
N LEU B 93 -12.28 -22.02 28.23
CA LEU B 93 -11.47 -21.18 27.36
C LEU B 93 -11.19 -21.87 26.03
N GLY B 94 -10.74 -23.11 26.10
CA GLY B 94 -10.47 -23.86 24.89
C GLY B 94 -11.69 -23.92 24.00
N GLU B 95 -12.87 -24.05 24.60
CA GLU B 95 -14.10 -24.12 23.83
C GLU B 95 -14.47 -22.74 23.30
N ALA B 96 -14.26 -21.71 24.11
CA ALA B 96 -14.57 -20.37 23.69
C ALA B 96 -13.69 -19.99 22.49
N ILE B 97 -12.43 -20.42 22.52
CA ILE B 97 -11.54 -20.09 21.41
C ILE B 97 -11.97 -20.78 20.12
N ASP B 98 -12.33 -22.06 20.19
CA ASP B 98 -12.78 -22.76 18.99
C ASP B 98 -14.07 -22.14 18.44
N LYS B 99 -15.02 -21.89 19.33
CA LYS B 99 -16.28 -21.31 18.93
C LYS B 99 -16.12 -19.92 18.34
N GLN B 100 -15.30 -19.08 18.98
CA GLN B 100 -15.12 -17.72 18.53
C GLN B 100 -14.11 -17.48 17.40
N PHE B 101 -13.08 -18.33 17.32
CA PHE B 101 -12.05 -18.21 16.27
C PHE B 101 -12.01 -19.39 15.29
N GLY B 102 -12.77 -20.45 15.56
CA GLY B 102 -12.79 -21.60 14.67
C GLY B 102 -11.91 -22.74 15.15
N SER B 103 -10.67 -22.42 15.49
CA SER B 103 -9.74 -23.41 15.99
C SER B 103 -8.62 -22.68 16.73
N PHE B 104 -7.86 -23.43 17.51
CA PHE B 104 -6.75 -22.88 18.27
C PHE B 104 -5.67 -22.42 17.30
N GLU B 105 -5.45 -23.20 16.24
CA GLU B 105 -4.45 -22.85 15.24
C GLU B 105 -4.82 -21.55 14.57
N LYS B 106 -6.10 -21.39 14.25
CA LYS B 106 -6.55 -20.16 13.61
C LYS B 106 -6.38 -19.00 14.56
N PHE B 107 -6.76 -19.18 15.83
CA PHE B 107 -6.61 -18.12 16.83
C PHE B 107 -5.15 -17.70 16.93
N LYS B 108 -4.23 -18.68 17.02
CA LYS B 108 -2.82 -18.35 17.10
C LYS B 108 -2.39 -17.55 15.89
N GLU B 109 -2.85 -17.95 14.69
CA GLU B 109 -2.50 -17.21 13.49
C GLU B 109 -2.95 -15.78 13.63
N GLU B 110 -4.18 -15.57 14.12
CA GLU B 110 -4.72 -14.23 14.27
C GLU B 110 -3.94 -13.45 15.28
N PHE B 111 -3.65 -14.08 16.40
CA PHE B 111 -2.89 -13.45 17.46
C PHE B 111 -1.51 -13.04 16.98
N ASN B 112 -0.81 -13.97 16.34
CA ASN B 112 0.52 -13.67 15.82
C ASN B 112 0.46 -12.46 14.89
N THR B 113 -0.51 -12.44 13.98
CA THR B 113 -0.62 -11.34 13.03
C THR B 113 -0.88 -10.01 13.72
N ALA B 114 -1.69 -10.02 14.76
CA ALA B 114 -1.99 -8.78 15.47
C ALA B 114 -0.71 -8.26 16.11
N GLY B 115 0.11 -9.18 16.61
CA GLY B 115 1.35 -8.78 17.25
C GLY B 115 2.37 -8.27 16.24
N THR B 116 2.49 -8.96 15.12
CA THR B 116 3.42 -8.58 14.08
C THR B 116 3.08 -7.26 13.39
N THR B 117 1.79 -6.99 13.24
CA THR B 117 1.32 -5.76 12.61
C THR B 117 1.12 -4.56 13.53
N LEU B 118 1.37 -4.72 14.83
CA LEU B 118 1.22 -3.62 15.78
C LEU B 118 2.44 -2.76 15.55
N PHE B 119 2.24 -1.54 15.07
CA PHE B 119 3.38 -0.70 14.75
C PHE B 119 3.95 0.02 15.95
N GLY B 120 5.24 -0.20 16.19
CA GLY B 120 5.93 0.45 17.30
C GLY B 120 5.89 -0.44 18.54
N SER B 121 5.95 0.18 19.71
CA SER B 121 5.90 -0.58 20.95
C SER B 121 4.49 -0.85 21.39
N GLY B 122 4.32 -1.96 22.08
CA GLY B 122 2.98 -2.27 22.56
C GLY B 122 2.80 -3.70 22.97
N TRP B 123 1.52 -4.09 23.03
CA TRP B 123 1.14 -5.42 23.47
C TRP B 123 0.00 -5.96 22.67
N VAL B 124 0.03 -7.25 22.39
CA VAL B 124 -1.12 -7.88 21.74
C VAL B 124 -1.79 -8.60 22.91
N TRP B 125 -3.08 -8.37 23.06
CA TRP B 125 -3.84 -8.95 24.16
C TRP B 125 -5.04 -9.79 23.76
N LEU B 126 -5.25 -10.89 24.47
CA LEU B 126 -6.44 -11.73 24.31
C LEU B 126 -7.23 -11.26 25.54
N ALA B 127 -8.43 -10.72 25.34
CA ALA B 127 -9.24 -10.23 26.45
C ALA B 127 -10.66 -10.80 26.40
N SER B 128 -11.33 -10.74 27.53
CA SER B 128 -12.70 -11.24 27.66
C SER B 128 -13.57 -10.18 28.27
N ASP B 129 -14.81 -10.07 27.80
CA ASP B 129 -15.70 -9.09 28.39
C ASP B 129 -16.53 -9.74 29.50
N ALA B 130 -17.45 -8.99 30.08
CA ALA B 130 -18.26 -9.54 31.16
C ALA B 130 -19.18 -10.68 30.76
N ASN B 131 -19.37 -10.91 29.45
CA ASN B 131 -20.23 -12.00 28.98
C ASN B 131 -19.43 -13.14 28.41
N GLY B 132 -18.11 -13.07 28.58
CA GLY B 132 -17.24 -14.11 28.08
C GLY B 132 -16.79 -13.96 26.64
N LYS B 133 -17.18 -12.87 26.00
CA LYS B 133 -16.80 -12.66 24.60
C LYS B 133 -15.30 -12.35 24.54
N LEU B 134 -14.60 -13.08 23.67
CA LEU B 134 -13.14 -12.93 23.49
C LEU B 134 -12.78 -11.98 22.37
N SER B 135 -11.68 -11.26 22.56
CA SER B 135 -11.23 -10.33 21.54
C SER B 135 -9.71 -10.25 21.54
N ILE B 136 -9.15 -9.94 20.37
CA ILE B 136 -7.72 -9.77 20.22
C ILE B 136 -7.57 -8.24 20.11
N GLU B 137 -6.88 -7.65 21.07
CA GLU B 137 -6.68 -6.20 21.08
C GLU B 137 -5.23 -5.81 20.92
N LYS B 138 -4.98 -4.84 20.07
CA LYS B 138 -3.64 -4.31 19.87
C LYS B 138 -3.58 -3.13 20.81
N GLU B 139 -2.68 -3.17 21.79
CA GLU B 139 -2.55 -2.09 22.76
C GLU B 139 -1.23 -1.38 22.57
N PRO B 140 -1.24 -0.18 21.98
CA PRO B 140 0.03 0.54 21.80
C PRO B 140 0.62 0.95 23.14
N ASN B 141 1.95 1.06 23.17
CA ASN B 141 2.72 1.48 24.34
C ASN B 141 2.34 0.83 25.67
N ALA B 142 1.65 1.54 26.56
CA ALA B 142 1.30 0.96 27.86
C ALA B 142 -0.12 0.42 27.97
N GLY B 143 -0.86 0.44 26.88
CA GLY B 143 -2.24 -0.03 26.91
C GLY B 143 -2.49 -1.39 27.53
N ASN B 144 -3.67 -1.53 28.15
CA ASN B 144 -4.06 -2.80 28.78
C ASN B 144 -5.60 -2.87 28.72
N PRO B 145 -6.15 -4.05 28.44
CA PRO B 145 -7.61 -4.22 28.35
C PRO B 145 -8.40 -3.76 29.57
N VAL B 146 -7.80 -3.84 30.75
CA VAL B 146 -8.46 -3.43 31.99
C VAL B 146 -8.98 -2.02 31.81
N ARG B 147 -8.39 -1.28 30.88
CA ARG B 147 -8.80 0.10 30.62
C ARG B 147 -10.15 0.19 29.91
N LYS B 148 -10.57 -0.89 29.26
CA LYS B 148 -11.86 -0.90 28.57
C LYS B 148 -12.87 -1.67 29.42
N GLY B 149 -12.43 -2.15 30.57
CA GLY B 149 -13.32 -2.92 31.43
C GLY B 149 -13.23 -4.41 31.12
N LEU B 150 -12.31 -4.79 30.23
CA LEU B 150 -12.15 -6.18 29.86
C LEU B 150 -11.20 -6.96 30.77
N ASN B 151 -11.28 -8.28 30.67
CA ASN B 151 -10.49 -9.20 31.45
C ASN B 151 -9.23 -9.57 30.66
N PRO B 152 -8.04 -9.18 31.15
CA PRO B 152 -6.78 -9.47 30.45
C PRO B 152 -6.38 -10.93 30.63
N LEU B 153 -6.41 -11.72 29.55
CA LEU B 153 -6.09 -13.13 29.65
C LEU B 153 -4.70 -13.57 29.23
N LEU B 154 -4.25 -13.10 28.07
CA LEU B 154 -2.95 -13.51 27.57
C LEU B 154 -2.37 -12.35 26.79
N THR B 155 -1.07 -12.11 26.97
CA THR B 155 -0.42 -11.02 26.26
C THR B 155 0.99 -11.31 25.79
N PHE B 156 1.31 -10.77 24.60
CA PHE B 156 2.66 -10.91 24.10
C PHE B 156 3.15 -9.49 24.05
N ASP B 157 4.30 -9.26 24.68
CA ASP B 157 4.94 -7.95 24.71
C ASP B 157 5.68 -7.75 23.40
N VAL B 158 5.33 -6.70 22.65
CA VAL B 158 6.05 -6.46 21.41
C VAL B 158 6.93 -5.24 21.47
N TRP B 159 7.17 -4.77 22.69
CA TRP B 159 8.15 -3.69 22.86
C TRP B 159 9.45 -4.43 22.44
N GLU B 160 10.33 -3.79 21.70
CA GLU B 160 11.50 -4.52 21.23
C GLU B 160 12.40 -5.10 22.31
N HIS B 161 12.42 -4.48 23.48
CA HIS B 161 13.27 -4.98 24.58
C HIS B 161 12.88 -6.39 25.02
N ALA B 162 11.66 -6.78 24.69
CA ALA B 162 11.17 -8.11 25.06
C ALA B 162 11.80 -9.25 24.26
N TYR B 163 12.39 -8.92 23.11
CA TYR B 163 12.96 -9.95 22.25
C TYR B 163 14.23 -9.62 21.52
N TYR B 164 14.63 -8.36 21.49
CA TYR B 164 15.77 -7.98 20.69
C TYR B 164 17.10 -8.70 20.88
N LEU B 165 17.44 -9.00 22.12
CA LEU B 165 18.70 -9.66 22.41
C LEU B 165 18.85 -11.02 21.76
N THR B 166 17.73 -11.71 21.55
CA THR B 166 17.74 -13.04 20.94
C THR B 166 17.26 -13.06 19.49
N TYR B 167 16.19 -12.31 19.23
CA TYR B 167 15.58 -12.29 17.91
C TYR B 167 15.89 -11.10 17.02
N GLN B 168 16.47 -10.03 17.59
CA GLN B 168 16.73 -8.80 16.83
C GLN B 168 15.42 -8.41 16.12
N ASN B 169 15.43 -8.23 14.80
CA ASN B 169 14.20 -7.80 14.10
C ASN B 169 13.14 -8.86 13.87
N ARG B 170 13.46 -10.10 14.15
CA ARG B 170 12.53 -11.22 13.93
C ARG B 170 11.38 -11.31 14.95
N ARG B 171 10.52 -10.29 14.99
CA ARG B 171 9.42 -10.27 15.92
C ARG B 171 8.45 -11.41 15.67
N ALA B 172 8.16 -11.66 14.40
CA ALA B 172 7.24 -12.71 14.00
C ALA B 172 7.67 -14.06 14.51
N ASP B 173 8.96 -14.33 14.47
CA ASP B 173 9.50 -15.60 14.93
C ASP B 173 9.39 -15.67 16.44
N HIS B 174 9.63 -14.55 17.10
CA HIS B 174 9.50 -14.53 18.56
C HIS B 174 8.07 -14.88 18.99
N LEU B 175 7.07 -14.30 18.30
CA LEU B 175 5.68 -14.59 18.64
C LEU B 175 5.35 -16.06 18.41
N LYS B 176 5.87 -16.64 17.34
CA LYS B 176 5.61 -18.05 17.04
C LYS B 176 6.19 -18.93 18.14
N ASP B 177 7.37 -18.55 18.60
CA ASP B 177 8.07 -19.28 19.64
C ASP B 177 7.47 -19.15 21.04
N LEU B 178 6.74 -18.07 21.31
CA LEU B 178 6.16 -17.85 22.63
C LEU B 178 5.13 -18.88 23.03
N TRP B 179 4.44 -19.44 22.05
CA TRP B 179 3.41 -20.41 22.33
C TRP B 179 3.91 -21.61 23.13
N SER B 180 5.18 -21.96 22.96
CA SER B 180 5.72 -23.12 23.66
C SER B 180 5.89 -22.92 25.17
N ILE B 181 5.91 -21.68 25.62
CA ILE B 181 6.09 -21.43 27.04
C ILE B 181 4.86 -20.83 27.73
N VAL B 182 3.73 -20.80 27.03
CA VAL B 182 2.52 -20.29 27.64
C VAL B 182 1.92 -21.37 28.56
N ASP B 183 1.54 -20.98 29.79
CA ASP B 183 0.93 -21.91 30.74
C ASP B 183 -0.57 -21.70 30.61
N TRP B 184 -1.19 -22.54 29.80
CA TRP B 184 -2.62 -22.41 29.55
C TRP B 184 -3.43 -22.60 30.82
N ASP B 185 -2.84 -23.29 31.78
CA ASP B 185 -3.52 -23.50 33.06
C ASP B 185 -3.67 -22.16 33.74
N ILE B 186 -2.68 -21.29 33.58
CA ILE B 186 -2.74 -19.98 34.19
C ILE B 186 -3.68 -19.08 33.39
N VAL B 187 -3.59 -19.14 32.07
CA VAL B 187 -4.47 -18.32 31.24
C VAL B 187 -5.93 -18.69 31.48
N GLU B 188 -6.20 -19.98 31.48
CA GLU B 188 -7.56 -20.45 31.70
C GLU B 188 -8.15 -19.85 32.98
N SER B 189 -7.34 -19.80 34.03
CA SER B 189 -7.79 -19.28 35.32
C SER B 189 -8.18 -17.81 35.34
N ARG B 190 -7.77 -17.06 34.31
CA ARG B 190 -8.11 -15.65 34.22
C ARG B 190 -9.41 -15.47 33.46
N TYR B 191 -9.82 -16.51 32.74
CA TYR B 191 -11.04 -16.48 31.93
C TYR B 191 -12.28 -16.83 32.74
N MET C 1 15.80 -14.82 -8.21
CA MET C 1 15.10 -14.70 -9.53
C MET C 1 14.36 -13.39 -9.69
N THR C 2 15.09 -12.32 -9.99
CA THR C 2 14.46 -11.03 -10.19
C THR C 2 14.00 -11.01 -11.63
N HIS C 3 12.73 -10.68 -11.84
CA HIS C 3 12.20 -10.62 -13.19
C HIS C 3 12.72 -9.32 -13.78
N GLU C 4 13.02 -9.33 -15.07
CA GLU C 4 13.56 -8.16 -15.72
C GLU C 4 12.76 -7.79 -16.97
N LEU C 5 12.83 -6.51 -17.35
CA LEU C 5 12.13 -6.03 -18.52
C LEU C 5 12.83 -6.68 -19.72
N ILE C 6 12.10 -7.46 -20.49
CA ILE C 6 12.70 -8.14 -21.64
C ILE C 6 13.33 -7.14 -22.63
N SER C 7 14.43 -7.56 -23.26
CA SER C 7 15.09 -6.68 -24.24
C SER C 7 14.42 -6.86 -25.57
N LEU C 8 14.17 -5.75 -26.26
CA LEU C 8 13.50 -5.80 -27.56
C LEU C 8 14.44 -6.33 -28.63
N PRO C 9 13.95 -7.25 -29.48
CA PRO C 9 14.73 -7.85 -30.57
C PRO C 9 14.84 -6.93 -31.79
N TYR C 10 14.48 -5.67 -31.61
CA TYR C 10 14.55 -4.67 -32.67
C TYR C 10 14.74 -3.31 -32.00
N ALA C 11 15.13 -2.31 -32.79
CA ALA C 11 15.33 -0.96 -32.25
C ALA C 11 13.97 -0.36 -31.89
N VAL C 12 13.98 0.60 -30.97
CA VAL C 12 12.76 1.26 -30.50
C VAL C 12 11.82 1.78 -31.56
N ASP C 13 12.38 2.24 -32.69
CA ASP C 13 11.55 2.78 -33.76
C ASP C 13 11.29 1.81 -34.91
N ALA C 14 11.75 0.58 -34.75
CA ALA C 14 11.59 -0.42 -35.79
C ALA C 14 10.15 -0.76 -36.20
N LEU C 15 9.19 -0.59 -35.29
CA LEU C 15 7.79 -0.94 -35.61
C LEU C 15 6.91 0.22 -36.01
N ALA C 16 7.48 1.40 -36.15
CA ALA C 16 6.70 2.57 -36.52
C ALA C 16 6.26 2.47 -37.98
N PRO C 17 5.13 3.08 -38.31
CA PRO C 17 4.24 3.85 -37.44
C PRO C 17 3.14 3.07 -36.69
N VAL C 18 3.01 1.77 -36.94
CA VAL C 18 1.97 0.98 -36.28
C VAL C 18 2.12 1.00 -34.77
N ILE C 19 3.37 0.91 -34.32
CA ILE C 19 3.68 1.02 -32.91
C ILE C 19 4.86 1.98 -32.96
N SER C 20 4.54 3.25 -32.83
CA SER C 20 5.50 4.32 -32.91
C SER C 20 6.63 4.20 -31.92
N LYS C 21 7.67 4.98 -32.15
CA LYS C 21 8.79 4.99 -31.24
C LYS C 21 8.31 5.39 -29.84
N GLU C 22 7.49 6.43 -29.76
CA GLU C 22 7.01 6.90 -28.47
C GLU C 22 6.16 5.81 -27.78
N THR C 23 5.36 5.09 -28.55
CA THR C 23 4.54 4.04 -27.96
C THR C 23 5.41 2.94 -27.40
N VAL C 24 6.47 2.58 -28.11
CA VAL C 24 7.37 1.54 -27.61
C VAL C 24 7.95 2.04 -26.27
N GLU C 25 8.41 3.28 -26.25
CA GLU C 25 8.98 3.86 -25.05
C GLU C 25 8.02 3.82 -23.86
N PHE C 26 6.74 4.11 -24.05
CA PHE C 26 5.81 4.04 -22.93
C PHE C 26 5.31 2.64 -22.64
N HIS C 27 4.98 1.91 -23.71
CA HIS C 27 4.40 0.58 -23.58
C HIS C 27 5.39 -0.39 -22.99
N HIS C 28 6.52 -0.52 -23.64
CA HIS C 28 7.53 -1.44 -23.14
C HIS C 28 8.30 -0.77 -22.01
N GLY C 29 8.73 0.47 -22.25
CA GLY C 29 9.52 1.17 -21.26
C GLY C 29 8.90 1.58 -19.93
N LYS C 30 7.59 1.82 -19.89
CA LYS C 30 6.94 2.19 -18.64
C LYS C 30 5.87 1.20 -18.20
N HIS C 31 4.97 0.81 -19.10
CA HIS C 31 3.91 -0.13 -18.66
C HIS C 31 4.48 -1.48 -18.30
N LEU C 32 5.25 -2.07 -19.21
CA LEU C 32 5.82 -3.39 -18.91
C LEU C 32 6.84 -3.30 -17.79
N LYS C 33 7.63 -2.24 -17.76
CA LYS C 33 8.60 -2.07 -16.68
C LYS C 33 7.80 -2.05 -15.36
N THR C 34 6.65 -1.41 -15.31
CA THR C 34 5.86 -1.38 -14.06
C THR C 34 5.26 -2.76 -13.70
N TYR C 35 4.82 -3.53 -14.70
CA TYR C 35 4.25 -4.84 -14.38
C TYR C 35 5.34 -5.69 -13.74
N VAL C 36 6.53 -5.61 -14.34
CA VAL C 36 7.68 -6.37 -13.85
C VAL C 36 8.06 -5.92 -12.46
N ASP C 37 8.21 -4.60 -12.28
CA ASP C 37 8.57 -4.05 -10.96
C ASP C 37 7.51 -4.38 -9.92
N ASN C 38 6.24 -4.25 -10.30
CA ASN C 38 5.18 -4.58 -9.36
C ASN C 38 5.31 -6.04 -8.97
N LEU C 39 5.49 -6.90 -9.95
CA LEU C 39 5.60 -8.32 -9.69
C LEU C 39 6.74 -8.59 -8.69
N ASN C 40 7.90 -8.01 -8.94
CA ASN C 40 9.05 -8.21 -8.05
C ASN C 40 8.76 -7.70 -6.63
N LYS C 41 8.10 -6.55 -6.53
CA LYS C 41 7.81 -5.94 -5.23
C LYS C 41 6.81 -6.76 -4.45
N LEU C 42 5.82 -7.31 -5.15
CA LEU C 42 4.77 -8.09 -4.51
C LEU C 42 5.12 -9.49 -4.07
N ILE C 43 5.97 -10.19 -4.82
CA ILE C 43 6.31 -11.57 -4.46
C ILE C 43 7.30 -11.70 -3.32
N ILE C 44 7.89 -10.60 -2.89
CA ILE C 44 8.83 -10.63 -1.79
C ILE C 44 8.14 -11.21 -0.56
N GLY C 45 8.75 -12.26 0.00
CA GLY C 45 8.20 -12.90 1.18
C GLY C 45 7.06 -13.87 0.89
N THR C 46 6.83 -14.16 -0.38
CA THR C 46 5.76 -15.08 -0.75
C THR C 46 6.32 -16.31 -1.40
N GLU C 47 5.46 -17.31 -1.61
CA GLU C 47 5.89 -18.56 -2.21
C GLU C 47 6.23 -18.43 -3.68
N PHE C 48 6.15 -17.21 -4.22
CA PHE C 48 6.45 -16.98 -5.62
C PHE C 48 7.75 -16.21 -5.81
N GLU C 49 8.43 -15.89 -4.70
CA GLU C 49 9.65 -15.10 -4.81
C GLU C 49 10.67 -15.60 -5.80
N ASN C 50 10.78 -16.91 -5.97
CA ASN C 50 11.74 -17.47 -6.92
C ASN C 50 11.11 -18.42 -7.95
N ALA C 51 9.78 -18.36 -8.08
CA ALA C 51 9.08 -19.23 -9.01
C ALA C 51 9.20 -18.63 -10.40
N ASP C 52 9.09 -19.46 -11.42
CA ASP C 52 9.19 -18.96 -12.78
C ASP C 52 7.85 -18.31 -13.14
N LEU C 53 7.87 -17.49 -14.18
CA LEU C 53 6.67 -16.78 -14.62
C LEU C 53 5.41 -17.63 -14.84
N ASN C 54 5.54 -18.72 -15.59
CA ASN C 54 4.40 -19.57 -15.88
C ASN C 54 3.80 -20.17 -14.61
N THR C 55 4.65 -20.44 -13.63
CA THR C 55 4.21 -20.99 -12.37
C THR C 55 3.37 -19.97 -11.61
N ILE C 56 3.83 -18.72 -11.59
CA ILE C 56 3.11 -17.67 -10.90
C ILE C 56 1.77 -17.40 -11.59
N VAL C 57 1.78 -17.34 -12.91
CA VAL C 57 0.56 -17.09 -13.68
C VAL C 57 -0.52 -18.12 -13.40
N GLN C 58 -0.11 -19.33 -13.09
CA GLN C 58 -1.10 -20.36 -12.81
C GLN C 58 -1.63 -20.22 -11.41
N LYS C 59 -0.84 -20.66 -10.45
CA LYS C 59 -1.21 -20.66 -9.06
C LYS C 59 -1.49 -19.33 -8.37
N SER C 60 -1.03 -18.22 -8.94
CA SER C 60 -1.25 -16.92 -8.30
C SER C 60 -2.64 -16.32 -8.44
N GLU C 61 -2.88 -15.29 -7.66
CA GLU C 61 -4.16 -14.61 -7.62
C GLU C 61 -3.93 -13.12 -7.38
N GLY C 62 -4.98 -12.33 -7.57
CA GLY C 62 -4.88 -10.90 -7.31
C GLY C 62 -3.82 -10.12 -8.06
N GLY C 63 -3.20 -9.17 -7.38
CA GLY C 63 -2.19 -8.33 -8.00
C GLY C 63 -1.02 -9.13 -8.56
N ILE C 64 -0.60 -10.16 -7.83
CA ILE C 64 0.50 -10.98 -8.31
C ILE C 64 0.10 -11.58 -9.67
N PHE C 65 -1.11 -12.13 -9.75
CA PHE C 65 -1.57 -12.69 -10.99
C PHE C 65 -1.67 -11.62 -12.06
N ASN C 66 -2.23 -10.46 -11.73
CA ASN C 66 -2.35 -9.43 -12.75
C ASN C 66 -1.02 -9.01 -13.36
N ASN C 67 -0.03 -8.81 -12.50
CA ASN C 67 1.25 -8.36 -12.98
C ASN C 67 2.00 -9.47 -13.67
N ALA C 68 1.85 -10.69 -13.16
CA ALA C 68 2.52 -11.85 -13.77
C ALA C 68 1.91 -12.13 -15.14
N GLY C 69 0.58 -12.16 -15.22
CA GLY C 69 -0.08 -12.44 -16.49
C GLY C 69 0.29 -11.37 -17.51
N GLN C 70 0.26 -10.11 -17.09
CA GLN C 70 0.60 -9.04 -18.01
C GLN C 70 2.04 -9.08 -18.49
N THR C 71 2.97 -9.48 -17.63
CA THR C 71 4.37 -9.57 -18.02
C THR C 71 4.52 -10.67 -19.09
N LEU C 72 3.92 -11.83 -18.85
CA LEU C 72 4.01 -12.94 -19.79
C LEU C 72 3.40 -12.55 -21.13
N ASN C 73 2.24 -11.90 -21.08
CA ASN C 73 1.56 -11.48 -22.30
C ASN C 73 2.38 -10.49 -23.13
N HIS C 74 2.94 -9.48 -22.48
CA HIS C 74 3.74 -8.49 -23.18
C HIS C 74 5.01 -9.11 -23.76
N ASN C 75 5.60 -10.08 -23.07
CA ASN C 75 6.81 -10.70 -23.57
C ASN C 75 6.48 -11.38 -24.90
N LEU C 76 5.34 -12.08 -24.94
CA LEU C 76 4.92 -12.74 -26.17
C LEU C 76 4.61 -11.72 -27.26
N TYR C 77 3.87 -10.69 -26.89
CA TYR C 77 3.48 -9.63 -27.80
C TYR C 77 4.65 -8.92 -28.50
N PHE C 78 5.59 -8.41 -27.72
CA PHE C 78 6.72 -7.70 -28.28
C PHE C 78 7.64 -8.58 -29.11
N THR C 79 7.76 -9.85 -28.75
CA THR C 79 8.67 -10.72 -29.50
C THR C 79 8.11 -11.25 -30.83
N GLN C 80 6.83 -11.04 -31.09
CA GLN C 80 6.23 -11.56 -32.33
C GLN C 80 6.26 -10.62 -33.52
N PHE C 81 6.63 -9.36 -33.29
CA PHE C 81 6.67 -8.37 -34.36
C PHE C 81 8.07 -8.15 -34.91
N ARG C 82 8.14 -7.72 -36.17
CA ARG C 82 9.39 -7.46 -36.87
C ARG C 82 9.07 -6.60 -38.06
N PRO C 83 9.99 -5.70 -38.44
CA PRO C 83 9.71 -4.85 -39.59
C PRO C 83 10.06 -5.63 -40.87
N GLY C 84 9.40 -5.29 -41.98
CA GLY C 84 9.69 -5.97 -43.24
C GLY C 84 9.12 -7.37 -43.38
N LYS C 85 8.24 -7.76 -42.46
CA LYS C 85 7.64 -9.07 -42.53
C LYS C 85 6.17 -8.93 -42.94
N GLY C 86 5.25 -9.27 -42.04
CA GLY C 86 3.85 -9.16 -42.37
C GLY C 86 3.49 -10.12 -43.51
N GLY C 87 2.56 -9.70 -44.36
CA GLY C 87 2.16 -10.55 -45.47
C GLY C 87 1.20 -11.63 -44.97
N ALA C 88 1.21 -12.78 -45.62
CA ALA C 88 0.32 -13.87 -45.21
C ALA C 88 1.11 -15.08 -44.75
N PRO C 89 0.55 -15.88 -43.84
CA PRO C 89 1.21 -17.08 -43.32
C PRO C 89 1.18 -18.24 -44.32
N LYS C 90 2.15 -19.14 -44.18
CA LYS C 90 2.23 -20.32 -45.05
C LYS C 90 2.39 -21.56 -44.20
N GLY C 91 2.89 -22.63 -44.82
CA GLY C 91 3.09 -23.88 -44.09
C GLY C 91 1.82 -24.43 -43.47
N LYS C 92 2.00 -25.25 -42.43
CA LYS C 92 0.89 -25.86 -41.70
C LYS C 92 -0.15 -24.80 -41.31
N LEU C 93 0.31 -23.74 -40.65
CA LEU C 93 -0.57 -22.67 -40.19
C LEU C 93 -1.42 -22.03 -41.30
N GLY C 94 -0.77 -21.69 -42.42
CA GLY C 94 -1.48 -21.07 -43.54
C GLY C 94 -2.68 -21.87 -43.98
N GLU C 95 -2.45 -23.15 -44.24
CA GLU C 95 -3.51 -24.04 -44.66
C GLU C 95 -4.60 -24.14 -43.59
N ALA C 96 -4.19 -24.25 -42.34
CA ALA C 96 -5.12 -24.36 -41.21
C ALA C 96 -6.07 -23.16 -41.15
N ILE C 97 -5.53 -21.98 -41.41
CA ILE C 97 -6.34 -20.76 -41.39
C ILE C 97 -7.30 -20.71 -42.57
N ASP C 98 -6.82 -21.14 -43.74
CA ASP C 98 -7.64 -21.14 -44.95
C ASP C 98 -8.78 -22.11 -44.69
N LYS C 99 -8.43 -23.29 -44.17
CA LYS C 99 -9.38 -24.36 -43.89
C LYS C 99 -10.45 -23.97 -42.88
N GLN C 100 -10.04 -23.36 -41.77
CA GLN C 100 -11.00 -22.99 -40.73
C GLN C 100 -11.81 -21.72 -40.94
N PHE C 101 -11.12 -20.65 -41.31
CA PHE C 101 -11.77 -19.37 -41.47
C PHE C 101 -12.23 -19.05 -42.88
N GLY C 102 -11.81 -19.84 -43.85
CA GLY C 102 -12.22 -19.61 -45.22
C GLY C 102 -11.12 -19.00 -46.07
N SER C 103 -10.32 -18.11 -45.45
CA SER C 103 -9.22 -17.43 -46.13
C SER C 103 -8.49 -16.60 -45.10
N PHE C 104 -7.28 -16.16 -45.45
CA PHE C 104 -6.50 -15.35 -44.52
C PHE C 104 -7.15 -14.00 -44.24
N GLU C 105 -7.73 -13.38 -45.28
CA GLU C 105 -8.39 -12.09 -45.11
C GLU C 105 -9.63 -12.23 -44.25
N LYS C 106 -10.35 -13.34 -44.46
CA LYS C 106 -11.56 -13.61 -43.70
C LYS C 106 -11.19 -13.80 -42.22
N PHE C 107 -10.10 -14.50 -41.97
CA PHE C 107 -9.64 -14.72 -40.61
C PHE C 107 -9.25 -13.36 -39.98
N LYS C 108 -8.51 -12.54 -40.71
CA LYS C 108 -8.08 -11.25 -40.18
C LYS C 108 -9.31 -10.45 -39.83
N GLU C 109 -10.31 -10.50 -40.71
CA GLU C 109 -11.56 -9.79 -40.47
C GLU C 109 -12.18 -10.23 -39.14
N GLU C 110 -12.20 -11.54 -38.91
CA GLU C 110 -12.78 -12.08 -37.68
C GLU C 110 -11.95 -11.75 -36.46
N PHE C 111 -10.63 -11.77 -36.62
CA PHE C 111 -9.70 -11.47 -35.54
C PHE C 111 -9.87 -10.01 -35.11
N ASN C 112 -9.98 -9.12 -36.11
CA ASN C 112 -10.15 -7.68 -35.87
C ASN C 112 -11.47 -7.42 -35.15
N THR C 113 -12.52 -8.16 -35.58
CA THR C 113 -13.83 -8.01 -35.00
C THR C 113 -13.82 -8.49 -33.55
N ALA C 114 -12.99 -9.48 -33.27
CA ALA C 114 -12.88 -9.99 -31.90
C ALA C 114 -12.23 -8.91 -31.06
N GLY C 115 -11.24 -8.23 -31.63
CA GLY C 115 -10.54 -7.17 -30.92
C GLY C 115 -11.43 -5.96 -30.70
N THR C 116 -12.20 -5.58 -31.71
CA THR C 116 -13.08 -4.42 -31.56
C THR C 116 -14.25 -4.69 -30.64
N THR C 117 -14.73 -5.93 -30.61
CA THR C 117 -15.85 -6.29 -29.75
C THR C 117 -15.44 -6.62 -28.33
N LEU C 118 -14.13 -6.79 -28.09
CA LEU C 118 -13.67 -7.08 -26.74
C LEU C 118 -13.83 -5.75 -26.00
N PHE C 119 -14.87 -5.68 -25.18
CA PHE C 119 -15.16 -4.46 -24.44
C PHE C 119 -14.17 -4.25 -23.30
N GLY C 120 -13.56 -3.06 -23.27
CA GLY C 120 -12.59 -2.77 -22.22
C GLY C 120 -11.19 -3.18 -22.61
N SER C 121 -10.38 -3.47 -21.61
CA SER C 121 -9.01 -3.87 -21.81
C SER C 121 -8.88 -5.37 -21.98
N GLY C 122 -7.93 -5.80 -22.79
CA GLY C 122 -7.74 -7.23 -22.96
C GLY C 122 -6.81 -7.59 -24.09
N TRP C 123 -6.82 -8.86 -24.46
CA TRP C 123 -5.97 -9.37 -25.53
C TRP C 123 -6.76 -10.27 -26.46
N VAL C 124 -6.49 -10.17 -27.76
CA VAL C 124 -7.15 -11.09 -28.68
C VAL C 124 -6.03 -12.08 -28.97
N TRP C 125 -6.35 -13.36 -28.78
CA TRP C 125 -5.38 -14.40 -28.97
C TRP C 125 -5.75 -15.40 -30.04
N LEU C 126 -4.78 -15.75 -30.88
CA LEU C 126 -4.98 -16.81 -31.87
C LEU C 126 -4.33 -17.97 -31.11
N ALA C 127 -5.10 -19.02 -30.84
CA ALA C 127 -4.56 -20.16 -30.10
C ALA C 127 -4.74 -21.47 -30.85
N SER C 128 -3.92 -22.46 -30.49
CA SER C 128 -3.99 -23.78 -31.13
C SER C 128 -4.10 -24.85 -30.05
N ASP C 129 -4.64 -26.00 -30.44
CA ASP C 129 -4.78 -27.12 -29.53
C ASP C 129 -3.91 -28.26 -30.00
N ALA C 130 -3.95 -29.39 -29.30
CA ALA C 130 -3.15 -30.55 -29.66
C ALA C 130 -3.37 -30.97 -31.10
N ASN C 131 -4.55 -30.68 -31.64
CA ASN C 131 -4.86 -31.07 -33.00
C ASN C 131 -4.68 -29.98 -34.06
N GLY C 132 -3.91 -28.94 -33.76
CA GLY C 132 -3.70 -27.89 -34.72
C GLY C 132 -4.94 -27.05 -35.00
N LYS C 133 -6.01 -27.33 -34.28
CA LYS C 133 -7.26 -26.58 -34.44
C LYS C 133 -7.02 -25.16 -33.91
N LEU C 134 -7.33 -24.17 -34.74
CA LEU C 134 -7.14 -22.79 -34.36
C LEU C 134 -8.40 -22.20 -33.74
N SER C 135 -8.21 -21.26 -32.82
CA SER C 135 -9.32 -20.62 -32.14
C SER C 135 -8.97 -19.17 -31.85
N ILE C 136 -9.98 -18.30 -31.94
CA ILE C 136 -9.79 -16.88 -31.66
C ILE C 136 -10.35 -16.70 -30.25
N GLU C 137 -9.46 -16.34 -29.33
CA GLU C 137 -9.83 -16.16 -27.93
C GLU C 137 -9.75 -14.72 -27.49
N LYS C 138 -10.85 -14.21 -26.94
CA LYS C 138 -10.88 -12.86 -26.41
C LYS C 138 -10.57 -13.03 -24.93
N GLU C 139 -9.47 -12.41 -24.47
CA GLU C 139 -9.09 -12.53 -23.07
C GLU C 139 -9.11 -11.16 -22.38
N PRO C 140 -10.09 -10.93 -21.50
CA PRO C 140 -10.14 -9.64 -20.80
C PRO C 140 -8.95 -9.40 -19.87
N ASN C 141 -8.59 -8.14 -19.73
CA ASN C 141 -7.52 -7.72 -18.85
C ASN C 141 -6.20 -8.43 -18.99
N ALA C 142 -5.87 -9.36 -18.09
CA ALA C 142 -4.59 -10.04 -18.18
C ALA C 142 -4.67 -11.50 -18.60
N GLY C 143 -5.83 -11.87 -19.15
CA GLY C 143 -6.05 -13.25 -19.57
C GLY C 143 -5.09 -13.79 -20.61
N ASN C 144 -4.86 -15.10 -20.55
CA ASN C 144 -3.97 -15.80 -21.47
C ASN C 144 -4.50 -17.22 -21.65
N PRO C 145 -4.61 -17.70 -22.90
CA PRO C 145 -5.13 -19.03 -23.24
C PRO C 145 -4.45 -20.22 -22.57
N VAL C 146 -3.21 -20.03 -22.10
CA VAL C 146 -2.51 -21.13 -21.45
C VAL C 146 -3.28 -21.68 -20.26
N ARG C 147 -4.02 -20.82 -19.56
CA ARG C 147 -4.82 -21.23 -18.41
C ARG C 147 -5.74 -22.38 -18.78
N LYS C 148 -6.12 -22.45 -20.04
CA LYS C 148 -7.00 -23.52 -20.52
C LYS C 148 -6.16 -24.66 -21.08
N GLY C 149 -4.83 -24.49 -21.07
CA GLY C 149 -3.96 -25.51 -21.59
C GLY C 149 -3.75 -25.35 -23.07
N LEU C 150 -4.09 -24.17 -23.58
CA LEU C 150 -3.95 -23.87 -24.99
C LEU C 150 -2.56 -23.31 -25.31
N ASN C 151 -2.24 -23.31 -26.60
CA ASN C 151 -0.97 -22.83 -27.09
C ASN C 151 -1.14 -21.44 -27.71
N PRO C 152 -0.51 -20.41 -27.10
CA PRO C 152 -0.61 -19.03 -27.61
C PRO C 152 0.22 -18.80 -28.87
N LEU C 153 -0.45 -18.55 -29.99
CA LEU C 153 0.25 -18.34 -31.25
C LEU C 153 0.60 -16.91 -31.56
N LEU C 154 -0.36 -16.02 -31.37
CA LEU C 154 -0.18 -14.61 -31.67
C LEU C 154 -1.18 -13.82 -30.84
N THR C 155 -0.82 -12.59 -30.49
CA THR C 155 -1.76 -11.79 -29.70
C THR C 155 -1.75 -10.31 -30.02
N PHE C 156 -2.94 -9.71 -30.03
CA PHE C 156 -3.04 -8.28 -30.24
C PHE C 156 -3.50 -7.69 -28.90
N ASP C 157 -2.76 -6.71 -28.41
CA ASP C 157 -3.07 -6.04 -27.15
C ASP C 157 -4.13 -4.98 -27.49
N VAL C 158 -5.30 -5.03 -26.87
CA VAL C 158 -6.32 -4.01 -27.11
C VAL C 158 -6.52 -3.12 -25.90
N TRP C 159 -5.57 -3.20 -24.96
CA TRP C 159 -5.58 -2.25 -23.84
C TRP C 159 -5.36 -0.94 -24.59
N GLU C 160 -6.03 0.13 -24.20
CA GLU C 160 -5.91 1.36 -24.99
C GLU C 160 -4.49 1.93 -25.12
N HIS C 161 -3.64 1.70 -24.11
CA HIS C 161 -2.27 2.21 -24.18
C HIS C 161 -1.45 1.63 -25.35
N ALA C 162 -1.88 0.48 -25.87
CA ALA C 162 -1.18 -0.14 -26.96
C ALA C 162 -1.25 0.67 -28.27
N TYR C 163 -2.26 1.53 -28.40
CA TYR C 163 -2.46 2.28 -29.65
C TYR C 163 -2.95 3.72 -29.50
N TYR C 164 -3.34 4.14 -28.31
CA TYR C 164 -3.93 5.47 -28.18
C TYR C 164 -3.10 6.65 -28.64
N LEU C 165 -1.79 6.56 -28.49
CA LEU C 165 -0.95 7.69 -28.87
C LEU C 165 -0.97 7.95 -30.37
N THR C 166 -1.10 6.91 -31.17
CA THR C 166 -1.13 7.04 -32.62
C THR C 166 -2.54 7.02 -33.22
N TYR C 167 -3.40 6.15 -32.69
CA TYR C 167 -4.75 5.97 -33.22
C TYR C 167 -5.91 6.50 -32.40
N GLN C 168 -5.64 6.88 -31.15
CA GLN C 168 -6.68 7.35 -30.25
C GLN C 168 -7.83 6.32 -30.25
N ASN C 169 -9.06 6.75 -30.47
CA ASN C 169 -10.19 5.82 -30.42
C ASN C 169 -10.33 4.80 -31.56
N ARG C 170 -9.55 4.97 -32.62
CA ARG C 170 -9.63 4.09 -33.78
C ARG C 170 -8.92 2.75 -33.58
N ARG C 171 -9.44 1.96 -32.65
CA ARG C 171 -8.87 0.66 -32.35
C ARG C 171 -8.92 -0.23 -33.58
N ALA C 172 -10.03 -0.15 -34.30
CA ALA C 172 -10.21 -0.93 -35.51
C ALA C 172 -9.08 -0.69 -36.51
N ASP C 173 -8.72 0.58 -36.74
CA ASP C 173 -7.64 0.86 -37.69
C ASP C 173 -6.30 0.29 -37.20
N HIS C 174 -6.04 0.42 -35.89
CA HIS C 174 -4.82 -0.12 -35.32
C HIS C 174 -4.69 -1.61 -35.57
N LEU C 175 -5.76 -2.35 -35.33
CA LEU C 175 -5.71 -3.80 -35.54
C LEU C 175 -5.46 -4.13 -37.02
N LYS C 176 -6.22 -3.47 -37.88
CA LYS C 176 -6.06 -3.70 -39.31
C LYS C 176 -4.60 -3.48 -39.72
N ASP C 177 -3.89 -2.61 -39.00
CA ASP C 177 -2.49 -2.29 -39.30
C ASP C 177 -1.43 -3.20 -38.67
N LEU C 178 -1.73 -3.83 -37.54
CA LEU C 178 -0.72 -4.66 -36.90
C LEU C 178 -0.28 -5.80 -37.80
N TRP C 179 -1.21 -6.24 -38.65
CA TRP C 179 -0.91 -7.35 -39.55
C TRP C 179 0.36 -7.12 -40.34
N SER C 180 0.64 -5.86 -40.66
CA SER C 180 1.83 -5.56 -41.43
C SER C 180 3.14 -5.75 -40.67
N ILE C 181 3.10 -5.86 -39.33
CA ILE C 181 4.34 -6.05 -38.60
C ILE C 181 4.46 -7.40 -37.92
N VAL C 182 3.50 -8.27 -38.21
CA VAL C 182 3.48 -9.61 -37.65
C VAL C 182 4.50 -10.47 -38.40
N ASP C 183 5.39 -11.09 -37.65
CA ASP C 183 6.39 -11.95 -38.26
C ASP C 183 5.84 -13.37 -38.22
N TRP C 184 5.24 -13.79 -39.33
CA TRP C 184 4.66 -15.11 -39.40
C TRP C 184 5.63 -16.26 -39.17
N ASP C 185 6.91 -16.01 -39.34
CA ASP C 185 7.92 -17.05 -39.10
C ASP C 185 7.92 -17.37 -37.61
N ILE C 186 7.89 -16.33 -36.78
CA ILE C 186 7.89 -16.55 -35.34
C ILE C 186 6.55 -17.13 -34.91
N VAL C 187 5.46 -16.69 -35.52
CA VAL C 187 4.14 -17.22 -35.16
C VAL C 187 4.03 -18.69 -35.56
N GLU C 188 4.49 -19.00 -36.77
CA GLU C 188 4.45 -20.37 -37.28
C GLU C 188 5.33 -21.26 -36.39
N SER C 189 6.35 -20.66 -35.78
CA SER C 189 7.26 -21.39 -34.90
C SER C 189 6.61 -21.77 -33.57
N ARG C 190 5.53 -21.08 -33.21
CA ARG C 190 4.81 -21.35 -31.96
C ARG C 190 3.73 -22.40 -32.20
N TYR C 191 3.36 -22.55 -33.46
CA TYR C 191 2.32 -23.49 -33.88
C TYR C 191 2.89 -24.89 -33.95
N MET D 1 -34.88 3.63 -29.76
CA MET D 1 -35.12 5.07 -29.50
C MET D 1 -34.00 5.89 -30.12
N THR D 2 -33.83 7.10 -29.62
CA THR D 2 -32.76 7.97 -30.07
C THR D 2 -32.19 8.63 -28.83
N HIS D 3 -31.25 7.95 -28.20
CA HIS D 3 -30.58 8.51 -27.03
C HIS D 3 -29.62 9.47 -27.71
N GLU D 4 -29.38 10.61 -27.08
CA GLU D 4 -28.52 11.61 -27.71
C GLU D 4 -27.19 11.82 -27.03
N LEU D 5 -26.28 12.44 -27.79
CA LEU D 5 -24.97 12.78 -27.29
C LEU D 5 -25.22 14.05 -26.49
N ILE D 6 -24.93 13.98 -25.21
CA ILE D 6 -25.14 15.09 -24.30
C ILE D 6 -24.36 16.32 -24.72
N SER D 7 -24.94 17.50 -24.47
CA SER D 7 -24.24 18.71 -24.83
C SER D 7 -23.34 19.08 -23.66
N LEU D 8 -22.12 19.51 -23.93
CA LEU D 8 -21.22 19.89 -22.83
C LEU D 8 -21.64 21.26 -22.30
N PRO D 9 -21.71 21.40 -20.98
CA PRO D 9 -22.10 22.67 -20.35
C PRO D 9 -20.95 23.70 -20.22
N TYR D 10 -19.86 23.46 -20.94
CA TYR D 10 -18.70 24.36 -20.93
C TYR D 10 -17.96 24.23 -22.26
N ALA D 11 -17.00 25.14 -22.51
CA ALA D 11 -16.24 25.13 -23.73
C ALA D 11 -15.26 23.97 -23.69
N VAL D 12 -14.83 23.49 -24.87
CA VAL D 12 -13.94 22.33 -24.93
C VAL D 12 -12.57 22.48 -24.27
N ASP D 13 -12.11 23.72 -24.06
CA ASP D 13 -10.81 23.94 -23.43
C ASP D 13 -10.97 24.35 -21.98
N ALA D 14 -12.21 24.35 -21.49
CA ALA D 14 -12.51 24.76 -20.12
C ALA D 14 -11.89 23.92 -19.02
N LEU D 15 -11.61 22.65 -19.34
CA LEU D 15 -11.04 21.74 -18.38
C LEU D 15 -9.55 21.56 -18.48
N ALA D 16 -8.91 22.25 -19.44
CA ALA D 16 -7.45 22.13 -19.58
C ALA D 16 -6.75 22.69 -18.35
N PRO D 17 -5.57 22.17 -18.02
CA PRO D 17 -4.84 21.09 -18.67
C PRO D 17 -5.14 19.69 -18.18
N VAL D 18 -5.94 19.56 -17.12
CA VAL D 18 -6.25 18.25 -16.57
C VAL D 18 -6.96 17.37 -17.60
N ILE D 19 -7.95 17.93 -18.28
CA ILE D 19 -8.58 17.22 -19.38
C ILE D 19 -8.45 18.24 -20.51
N SER D 20 -7.49 17.98 -21.38
CA SER D 20 -7.19 18.89 -22.47
C SER D 20 -8.29 19.01 -23.49
N LYS D 21 -8.15 20.03 -24.33
CA LYS D 21 -9.09 20.27 -25.40
C LYS D 21 -9.07 19.04 -26.31
N GLU D 22 -7.88 18.55 -26.61
CA GLU D 22 -7.71 17.38 -27.47
C GLU D 22 -8.43 16.15 -26.91
N THR D 23 -8.31 15.98 -25.59
CA THR D 23 -8.95 14.84 -24.96
C THR D 23 -10.46 15.04 -24.90
N VAL D 24 -10.93 16.25 -24.61
CA VAL D 24 -12.38 16.42 -24.55
C VAL D 24 -12.94 16.05 -25.94
N GLU D 25 -12.27 16.55 -26.98
CA GLU D 25 -12.68 16.29 -28.33
C GLU D 25 -12.79 14.80 -28.64
N PHE D 26 -11.78 14.03 -28.25
CA PHE D 26 -11.83 12.61 -28.53
C PHE D 26 -12.76 11.89 -27.59
N HIS D 27 -12.67 12.24 -26.32
CA HIS D 27 -13.46 11.57 -25.28
C HIS D 27 -14.98 11.76 -25.41
N HIS D 28 -15.40 13.02 -25.46
CA HIS D 28 -16.82 13.33 -25.58
C HIS D 28 -17.24 13.20 -27.05
N GLY D 29 -16.42 13.74 -27.94
CA GLY D 29 -16.76 13.73 -29.35
C GLY D 29 -16.76 12.42 -30.11
N LYS D 30 -15.86 11.50 -29.76
CA LYS D 30 -15.79 10.24 -30.45
C LYS D 30 -16.20 9.09 -29.58
N HIS D 31 -15.54 8.90 -28.44
CA HIS D 31 -15.88 7.76 -27.60
C HIS D 31 -17.34 7.73 -27.20
N LEU D 32 -17.84 8.83 -26.63
CA LEU D 32 -19.22 8.90 -26.17
C LEU D 32 -20.20 8.81 -27.33
N LYS D 33 -19.89 9.48 -28.43
CA LYS D 33 -20.77 9.41 -29.58
C LYS D 33 -20.92 7.94 -30.01
N THR D 34 -19.82 7.19 -29.97
CA THR D 34 -19.86 5.79 -30.36
C THR D 34 -20.70 4.97 -29.37
N TYR D 35 -20.59 5.29 -28.07
CA TYR D 35 -21.38 4.54 -27.09
C TYR D 35 -22.86 4.78 -27.32
N VAL D 36 -23.20 6.03 -27.60
CA VAL D 36 -24.59 6.39 -27.82
C VAL D 36 -25.14 5.72 -29.07
N ASP D 37 -24.38 5.78 -30.16
CA ASP D 37 -24.81 5.14 -31.41
C ASP D 37 -25.00 3.64 -31.24
N ASN D 38 -24.10 3.01 -30.49
CA ASN D 38 -24.17 1.57 -30.29
C ASN D 38 -25.38 1.23 -29.46
N LEU D 39 -25.64 2.05 -28.43
CA LEU D 39 -26.78 1.83 -27.54
C LEU D 39 -28.05 1.86 -28.37
N ASN D 40 -28.15 2.89 -29.21
CA ASN D 40 -29.33 3.08 -30.05
C ASN D 40 -29.56 1.91 -30.98
N LYS D 41 -28.47 1.35 -31.50
CA LYS D 41 -28.55 0.22 -32.42
C LYS D 41 -28.90 -1.10 -31.72
N LEU D 42 -28.24 -1.37 -30.60
CA LEU D 42 -28.42 -2.63 -29.88
C LEU D 42 -29.73 -2.87 -29.13
N ILE D 43 -30.39 -1.80 -28.68
CA ILE D 43 -31.63 -1.96 -27.92
C ILE D 43 -32.85 -2.33 -28.73
N ILE D 44 -32.78 -2.13 -30.04
CA ILE D 44 -33.89 -2.44 -30.92
C ILE D 44 -34.25 -3.94 -30.87
N GLY D 45 -35.54 -4.21 -30.69
CA GLY D 45 -36.01 -5.58 -30.62
C GLY D 45 -35.92 -6.25 -29.25
N THR D 46 -35.57 -5.47 -28.23
CA THR D 46 -35.44 -6.00 -26.86
C THR D 46 -36.35 -5.23 -25.92
N GLU D 47 -36.50 -5.75 -24.69
CA GLU D 47 -37.34 -5.09 -23.69
C GLU D 47 -36.77 -3.70 -23.39
N PHE D 48 -35.55 -3.43 -23.82
CA PHE D 48 -34.96 -2.13 -23.53
C PHE D 48 -35.12 -1.11 -24.65
N GLU D 49 -35.69 -1.55 -25.78
CA GLU D 49 -35.86 -0.63 -26.89
C GLU D 49 -36.51 0.72 -26.54
N ASN D 50 -37.54 0.73 -25.70
CA ASN D 50 -38.16 2.00 -25.32
C ASN D 50 -38.02 2.35 -23.85
N ALA D 51 -36.96 1.82 -23.21
CA ALA D 51 -36.73 2.05 -21.79
C ALA D 51 -35.87 3.29 -21.55
N ASP D 52 -36.02 3.92 -20.39
CA ASP D 52 -35.20 5.10 -20.12
C ASP D 52 -33.78 4.62 -19.82
N LEU D 53 -32.80 5.49 -19.99
CA LEU D 53 -31.40 5.09 -19.78
C LEU D 53 -31.10 4.45 -18.43
N ASN D 54 -31.60 5.02 -17.35
CA ASN D 54 -31.32 4.48 -16.02
C ASN D 54 -31.80 3.05 -15.88
N THR D 55 -32.97 2.78 -16.44
CA THR D 55 -33.55 1.43 -16.39
C THR D 55 -32.70 0.45 -17.20
N ILE D 56 -32.18 0.90 -18.34
CA ILE D 56 -31.37 0.00 -19.15
C ILE D 56 -30.09 -0.34 -18.37
N VAL D 57 -29.45 0.66 -17.78
CA VAL D 57 -28.21 0.40 -17.02
C VAL D 57 -28.48 -0.52 -15.84
N GLN D 58 -29.61 -0.32 -15.20
CA GLN D 58 -29.96 -1.12 -14.03
C GLN D 58 -30.30 -2.57 -14.34
N LYS D 59 -30.84 -2.84 -15.52
CA LYS D 59 -31.29 -4.20 -15.83
C LYS D 59 -30.70 -4.99 -16.98
N SER D 60 -30.09 -4.34 -17.95
CA SER D 60 -29.55 -5.02 -19.11
C SER D 60 -28.25 -5.78 -18.91
N GLU D 61 -27.86 -6.49 -19.95
CA GLU D 61 -26.63 -7.28 -19.94
C GLU D 61 -25.94 -7.13 -21.29
N GLY D 62 -24.79 -7.78 -21.40
CA GLY D 62 -24.04 -7.77 -22.65
C GLY D 62 -23.76 -6.41 -23.26
N GLY D 63 -23.74 -6.40 -24.59
CA GLY D 63 -23.47 -5.19 -25.33
C GLY D 63 -24.39 -4.04 -24.98
N ILE D 64 -25.67 -4.32 -24.74
CA ILE D 64 -26.58 -3.24 -24.39
C ILE D 64 -26.09 -2.60 -23.09
N PHE D 65 -25.78 -3.41 -22.09
CA PHE D 65 -25.32 -2.85 -20.83
C PHE D 65 -24.00 -2.07 -21.02
N ASN D 66 -23.08 -2.67 -21.74
CA ASN D 66 -21.79 -2.00 -21.99
C ASN D 66 -21.98 -0.59 -22.50
N ASN D 67 -22.85 -0.41 -23.50
CA ASN D 67 -23.04 0.93 -24.05
C ASN D 67 -23.96 1.82 -23.22
N ALA D 68 -24.95 1.22 -22.54
CA ALA D 68 -25.84 2.02 -21.70
C ALA D 68 -25.04 2.54 -20.51
N GLY D 69 -24.26 1.65 -19.90
CA GLY D 69 -23.47 2.01 -18.74
C GLY D 69 -22.48 3.11 -19.09
N GLN D 70 -21.83 2.96 -20.24
CA GLN D 70 -20.88 3.96 -20.69
C GLN D 70 -21.61 5.26 -20.98
N THR D 71 -22.82 5.19 -21.53
CA THR D 71 -23.52 6.45 -21.78
C THR D 71 -23.86 7.18 -20.50
N LEU D 72 -24.51 6.49 -19.57
CA LEU D 72 -24.85 7.13 -18.32
C LEU D 72 -23.58 7.61 -17.54
N ASN D 73 -22.54 6.79 -17.53
CA ASN D 73 -21.33 7.16 -16.80
C ASN D 73 -20.73 8.44 -17.41
N HIS D 74 -20.65 8.52 -18.73
CA HIS D 74 -20.06 9.73 -19.32
C HIS D 74 -20.95 10.95 -19.15
N ASN D 75 -22.26 10.76 -19.23
CA ASN D 75 -23.18 11.88 -19.05
C ASN D 75 -22.94 12.52 -17.69
N LEU D 76 -22.84 11.72 -16.63
CA LEU D 76 -22.59 12.25 -15.30
C LEU D 76 -21.16 12.76 -15.12
N TYR D 77 -20.22 12.12 -15.78
CA TYR D 77 -18.81 12.47 -15.69
C TYR D 77 -18.59 13.86 -16.26
N PHE D 78 -18.98 14.05 -17.51
CA PHE D 78 -18.75 15.33 -18.15
C PHE D 78 -19.51 16.48 -17.50
N THR D 79 -20.69 16.21 -16.98
CA THR D 79 -21.47 17.30 -16.40
C THR D 79 -21.11 17.68 -14.97
N GLN D 80 -20.23 16.94 -14.32
CA GLN D 80 -19.87 17.28 -12.95
C GLN D 80 -18.65 18.20 -12.85
N PHE D 81 -18.00 18.45 -13.98
CA PHE D 81 -16.80 19.29 -14.00
C PHE D 81 -17.01 20.74 -14.44
N ARG D 82 -16.29 21.66 -13.79
CA ARG D 82 -16.34 23.08 -14.12
C ARG D 82 -15.03 23.76 -13.81
N PRO D 83 -14.62 24.75 -14.61
CA PRO D 83 -13.37 25.43 -14.30
C PRO D 83 -13.66 26.39 -13.15
N GLY D 84 -12.62 26.85 -12.47
CA GLY D 84 -12.83 27.79 -11.38
C GLY D 84 -13.67 27.26 -10.25
N LYS D 85 -13.67 25.93 -10.09
CA LYS D 85 -14.42 25.31 -9.01
C LYS D 85 -13.46 24.51 -8.14
N GLY D 86 -13.64 23.19 -8.05
CA GLY D 86 -12.76 22.41 -7.21
C GLY D 86 -13.08 22.74 -5.77
N GLY D 87 -12.09 22.67 -4.89
CA GLY D 87 -12.35 22.97 -3.48
C GLY D 87 -13.03 21.82 -2.75
N ALA D 88 -13.62 22.14 -1.60
CA ALA D 88 -14.28 21.12 -0.77
C ALA D 88 -15.81 21.15 -0.78
N PRO D 89 -16.45 19.99 -0.55
CA PRO D 89 -17.91 19.96 -0.52
C PRO D 89 -18.47 20.61 0.74
N LYS D 90 -19.67 21.16 0.61
CA LYS D 90 -20.35 21.81 1.72
C LYS D 90 -21.72 21.14 1.85
N GLY D 91 -22.59 21.72 2.67
CA GLY D 91 -23.93 21.19 2.86
C GLY D 91 -24.05 19.81 3.48
N LYS D 92 -25.15 19.13 3.16
CA LYS D 92 -25.38 17.80 3.70
C LYS D 92 -24.34 16.81 3.18
N LEU D 93 -23.98 16.91 1.89
CA LEU D 93 -22.98 16.01 1.32
C LEU D 93 -21.66 16.19 2.05
N GLY D 94 -21.23 17.43 2.20
CA GLY D 94 -19.97 17.69 2.90
C GLY D 94 -19.98 17.15 4.32
N GLU D 95 -21.14 17.22 4.97
CA GLU D 95 -21.26 16.73 6.34
C GLU D 95 -21.25 15.20 6.33
N ALA D 96 -21.89 14.61 5.33
CA ALA D 96 -21.93 13.15 5.22
C ALA D 96 -20.52 12.59 4.97
N ILE D 97 -19.74 13.30 4.17
CA ILE D 97 -18.38 12.85 3.88
C ILE D 97 -17.50 12.88 5.13
N ASP D 98 -17.61 13.96 5.89
CA ASP D 98 -16.82 14.13 7.11
C ASP D 98 -17.16 13.06 8.13
N LYS D 99 -18.46 12.91 8.39
CA LYS D 99 -18.93 11.94 9.37
C LYS D 99 -18.57 10.54 8.95
N GLN D 100 -18.86 10.19 7.70
CA GLN D 100 -18.60 8.84 7.22
C GLN D 100 -17.15 8.48 6.86
N PHE D 101 -16.36 9.44 6.37
CA PHE D 101 -14.96 9.13 6.02
C PHE D 101 -13.93 9.73 6.97
N GLY D 102 -14.39 10.52 7.93
CA GLY D 102 -13.48 11.16 8.85
C GLY D 102 -13.23 12.60 8.41
N SER D 103 -12.92 12.77 7.13
CA SER D 103 -12.65 14.09 6.56
C SER D 103 -12.66 14.04 5.05
N PHE D 104 -12.70 15.20 4.42
CA PHE D 104 -12.67 15.29 2.96
C PHE D 104 -11.37 14.66 2.47
N GLU D 105 -10.25 14.98 3.11
CA GLU D 105 -8.97 14.41 2.67
C GLU D 105 -8.89 12.90 2.79
N LYS D 106 -9.47 12.33 3.84
CA LYS D 106 -9.43 10.88 3.99
C LYS D 106 -10.27 10.29 2.86
N PHE D 107 -11.41 10.92 2.58
CA PHE D 107 -12.27 10.46 1.51
C PHE D 107 -11.52 10.47 0.17
N LYS D 108 -10.87 11.59 -0.14
CA LYS D 108 -10.15 11.67 -1.41
C LYS D 108 -9.10 10.60 -1.56
N GLU D 109 -8.41 10.32 -0.47
CA GLU D 109 -7.35 9.33 -0.51
C GLU D 109 -7.92 7.96 -0.82
N GLU D 110 -9.03 7.61 -0.15
CA GLU D 110 -9.67 6.31 -0.41
C GLU D 110 -10.17 6.25 -1.86
N PHE D 111 -10.75 7.36 -2.31
CA PHE D 111 -11.29 7.45 -3.67
C PHE D 111 -10.17 7.31 -4.72
N ASN D 112 -9.04 7.97 -4.49
CA ASN D 112 -7.92 7.91 -5.43
C ASN D 112 -7.38 6.49 -5.45
N THR D 113 -7.29 5.91 -4.27
CA THR D 113 -6.78 4.56 -4.20
C THR D 113 -7.69 3.57 -4.93
N ALA D 114 -9.01 3.73 -4.77
CA ALA D 114 -9.97 2.85 -5.44
C ALA D 114 -9.77 2.95 -6.96
N GLY D 115 -9.60 4.18 -7.43
CA GLY D 115 -9.41 4.40 -8.84
C GLY D 115 -8.10 3.88 -9.39
N THR D 116 -7.04 4.02 -8.60
CA THR D 116 -5.74 3.59 -9.05
C THR D 116 -5.56 2.10 -8.98
N THR D 117 -6.25 1.48 -8.03
CA THR D 117 -6.17 0.03 -7.83
C THR D 117 -6.97 -0.74 -8.89
N LEU D 118 -8.07 -0.18 -9.35
CA LEU D 118 -8.92 -0.84 -10.35
C LEU D 118 -8.09 -1.36 -11.51
N PHE D 119 -8.01 -2.68 -11.70
CA PHE D 119 -7.21 -3.21 -12.78
C PHE D 119 -7.99 -3.23 -14.10
N GLY D 120 -7.39 -2.67 -15.15
CA GLY D 120 -8.06 -2.61 -16.44
C GLY D 120 -8.89 -1.35 -16.55
N SER D 121 -9.90 -1.40 -17.39
CA SER D 121 -10.81 -0.28 -17.60
C SER D 121 -11.93 -0.24 -16.57
N GLY D 122 -12.36 0.96 -16.24
CA GLY D 122 -13.42 1.06 -15.27
C GLY D 122 -13.69 2.46 -14.79
N TRP D 123 -14.39 2.54 -13.67
CA TRP D 123 -14.77 3.79 -13.05
C TRP D 123 -14.75 3.68 -11.53
N VAL D 124 -14.32 4.74 -10.86
CA VAL D 124 -14.47 4.72 -9.39
C VAL D 124 -15.68 5.64 -9.17
N TRP D 125 -16.59 5.21 -8.29
CA TRP D 125 -17.82 5.96 -8.03
C TRP D 125 -18.08 6.24 -6.57
N LEU D 126 -18.65 7.41 -6.30
CA LEU D 126 -19.09 7.79 -4.97
C LEU D 126 -20.59 7.70 -5.20
N ALA D 127 -21.29 6.93 -4.36
CA ALA D 127 -22.73 6.77 -4.50
C ALA D 127 -23.36 6.81 -3.12
N SER D 128 -24.68 6.98 -3.08
CA SER D 128 -25.40 7.00 -1.80
C SER D 128 -26.61 6.08 -1.86
N ASP D 129 -26.98 5.52 -0.71
CA ASP D 129 -28.15 4.66 -0.69
C ASP D 129 -29.33 5.46 -0.16
N ALA D 130 -30.49 4.80 -0.04
CA ALA D 130 -31.70 5.46 0.44
C ALA D 130 -31.55 6.16 1.78
N ASN D 131 -30.62 5.70 2.61
CA ASN D 131 -30.38 6.29 3.93
C ASN D 131 -29.33 7.38 3.84
N GLY D 132 -28.95 7.72 2.61
CA GLY D 132 -27.94 8.75 2.42
C GLY D 132 -26.55 8.26 2.78
N LYS D 133 -26.39 6.96 3.01
CA LYS D 133 -25.07 6.42 3.36
C LYS D 133 -24.21 6.42 2.10
N LEU D 134 -22.98 6.93 2.22
CA LEU D 134 -22.06 7.00 1.09
C LEU D 134 -21.18 5.78 0.95
N SER D 135 -20.80 5.49 -0.28
CA SER D 135 -19.94 4.37 -0.55
C SER D 135 -19.09 4.62 -1.78
N ILE D 136 -17.90 4.03 -1.77
CA ILE D 136 -16.99 4.14 -2.90
C ILE D 136 -17.08 2.79 -3.60
N GLU D 137 -17.48 2.82 -4.87
CA GLU D 137 -17.63 1.60 -5.65
C GLU D 137 -16.64 1.55 -6.80
N LYS D 138 -15.95 0.42 -6.96
CA LYS D 138 -15.02 0.26 -8.07
C LYS D 138 -15.89 -0.45 -9.11
N GLU D 139 -15.97 0.12 -10.30
CA GLU D 139 -16.82 -0.42 -11.35
C GLU D 139 -16.04 -0.77 -12.60
N PRO D 140 -15.75 -2.05 -12.80
CA PRO D 140 -15.01 -2.40 -14.00
C PRO D 140 -15.82 -2.15 -15.26
N ASN D 141 -15.09 -1.82 -16.33
CA ASN D 141 -15.67 -1.59 -17.64
C ASN D 141 -16.80 -0.58 -17.68
N ALA D 142 -18.04 -1.00 -17.89
CA ALA D 142 -19.14 -0.02 -17.94
C ALA D 142 -20.00 0.06 -16.67
N GLY D 143 -19.53 -0.53 -15.59
CA GLY D 143 -20.27 -0.50 -14.33
C GLY D 143 -20.75 0.85 -13.84
N ASN D 144 -21.89 0.84 -13.16
CA ASN D 144 -22.52 2.03 -12.59
C ASN D 144 -23.32 1.61 -11.34
N PRO D 145 -23.35 2.47 -10.30
CA PRO D 145 -24.04 2.26 -9.02
C PRO D 145 -25.56 2.05 -9.13
N VAL D 146 -26.14 2.50 -10.23
CA VAL D 146 -27.57 2.35 -10.44
C VAL D 146 -27.94 0.88 -10.46
N ARG D 147 -27.01 0.04 -10.92
CA ARG D 147 -27.23 -1.39 -11.02
C ARG D 147 -27.44 -2.03 -9.64
N LYS D 148 -26.99 -1.33 -8.60
CA LYS D 148 -27.15 -1.80 -7.23
C LYS D 148 -28.17 -0.98 -6.48
N GLY D 149 -28.96 -0.21 -7.22
CA GLY D 149 -30.00 0.59 -6.60
C GLY D 149 -29.51 1.80 -5.84
N LEU D 150 -28.31 2.27 -6.17
CA LEU D 150 -27.73 3.44 -5.51
C LEU D 150 -27.78 4.67 -6.42
N ASN D 151 -27.60 5.82 -5.79
CA ASN D 151 -27.59 7.10 -6.49
C ASN D 151 -26.14 7.48 -6.84
N PRO D 152 -25.84 7.61 -8.14
CA PRO D 152 -24.48 7.97 -8.58
C PRO D 152 -24.18 9.45 -8.35
N LEU D 153 -23.18 9.77 -7.52
CA LEU D 153 -22.86 11.16 -7.20
C LEU D 153 -21.65 11.76 -7.90
N LEU D 154 -20.54 11.05 -7.88
CA LEU D 154 -19.32 11.55 -8.50
C LEU D 154 -18.51 10.39 -9.05
N THR D 155 -17.98 10.50 -10.25
CA THR D 155 -17.18 9.40 -10.80
C THR D 155 -15.93 9.89 -11.52
N PHE D 156 -14.88 9.08 -11.45
CA PHE D 156 -13.68 9.37 -12.22
C PHE D 156 -13.55 8.19 -13.19
N ASP D 157 -13.36 8.50 -14.45
CA ASP D 157 -13.18 7.52 -15.51
C ASP D 157 -11.73 7.05 -15.48
N VAL D 158 -11.51 5.73 -15.36
CA VAL D 158 -10.13 5.24 -15.38
C VAL D 158 -9.80 4.39 -16.62
N TRP D 159 -10.66 4.49 -17.63
CA TRP D 159 -10.41 3.88 -18.91
C TRP D 159 -9.21 4.72 -19.34
N GLU D 160 -8.23 4.11 -19.98
CA GLU D 160 -7.02 4.84 -20.37
C GLU D 160 -7.26 6.01 -21.30
N HIS D 161 -8.30 5.97 -22.13
CA HIS D 161 -8.53 7.09 -23.03
C HIS D 161 -8.87 8.39 -22.31
N ALA D 162 -9.27 8.29 -21.04
CA ALA D 162 -9.63 9.49 -20.29
C ALA D 162 -8.41 10.38 -19.98
N TYR D 163 -7.24 9.77 -19.95
CA TYR D 163 -6.02 10.48 -19.58
C TYR D 163 -4.75 10.17 -20.37
N TYR D 164 -4.80 9.20 -21.27
CA TYR D 164 -3.59 8.81 -21.92
C TYR D 164 -2.86 9.87 -22.73
N LEU D 165 -3.61 10.69 -23.45
CA LEU D 165 -2.94 11.67 -24.30
C LEU D 165 -2.04 12.62 -23.53
N THR D 166 -2.42 12.93 -22.29
CA THR D 166 -1.66 13.86 -21.48
C THR D 166 -0.82 13.23 -20.36
N TYR D 167 -1.32 12.14 -19.78
CA TYR D 167 -0.65 11.46 -18.65
C TYR D 167 -0.01 10.14 -19.00
N GLN D 168 -0.39 9.59 -20.15
CA GLN D 168 0.05 8.25 -20.56
C GLN D 168 -0.19 7.29 -19.38
N ASN D 169 0.84 6.58 -18.92
CA ASN D 169 0.67 5.63 -17.82
C ASN D 169 0.41 6.19 -16.40
N ARG D 170 0.50 7.51 -16.22
CA ARG D 170 0.32 8.14 -14.91
C ARG D 170 -1.12 8.34 -14.47
N ARG D 171 -1.85 7.23 -14.34
CA ARG D 171 -3.24 7.30 -13.90
C ARG D 171 -3.34 7.95 -12.54
N ALA D 172 -2.43 7.58 -11.63
CA ALA D 172 -2.48 8.14 -10.28
C ALA D 172 -2.43 9.66 -10.30
N ASP D 173 -1.57 10.21 -11.15
CA ASP D 173 -1.45 11.66 -11.18
C ASP D 173 -2.75 12.25 -11.70
N HIS D 174 -3.34 11.58 -12.69
CA HIS D 174 -4.59 12.07 -13.27
C HIS D 174 -5.68 12.16 -12.21
N LEU D 175 -5.88 11.10 -11.42
CA LEU D 175 -6.90 11.15 -10.40
C LEU D 175 -6.66 12.22 -9.35
N LYS D 176 -5.42 12.42 -8.94
CA LYS D 176 -5.13 13.47 -7.96
C LYS D 176 -5.48 14.83 -8.55
N ASP D 177 -5.22 15.00 -9.84
CA ASP D 177 -5.50 16.28 -10.46
C ASP D 177 -6.96 16.56 -10.71
N LEU D 178 -7.77 15.52 -10.90
CA LEU D 178 -9.20 15.75 -11.19
C LEU D 178 -9.95 16.52 -10.13
N TRP D 179 -9.53 16.43 -8.86
CA TRP D 179 -10.23 17.13 -7.78
C TRP D 179 -10.38 18.63 -7.99
N SER D 180 -9.39 19.26 -8.63
CA SER D 180 -9.48 20.70 -8.84
C SER D 180 -10.58 21.16 -9.79
N ILE D 181 -11.12 20.26 -10.62
CA ILE D 181 -12.17 20.66 -11.56
C ILE D 181 -13.54 20.09 -11.25
N VAL D 182 -13.68 19.50 -10.08
CA VAL D 182 -14.98 18.97 -9.68
C VAL D 182 -15.80 20.17 -9.21
N ASP D 183 -17.04 20.25 -9.67
CA ASP D 183 -17.92 21.32 -9.20
C ASP D 183 -18.78 20.69 -8.10
N TRP D 184 -18.43 20.92 -6.83
CA TRP D 184 -19.18 20.32 -5.75
C TRP D 184 -20.64 20.77 -5.65
N ASP D 185 -20.97 21.90 -6.26
CA ASP D 185 -22.35 22.34 -6.24
C ASP D 185 -23.17 21.35 -7.04
N ILE D 186 -22.65 20.95 -8.19
CA ILE D 186 -23.34 19.99 -9.04
C ILE D 186 -23.43 18.64 -8.33
N VAL D 187 -22.31 18.17 -7.79
CA VAL D 187 -22.30 16.90 -7.10
C VAL D 187 -23.26 16.90 -5.92
N GLU D 188 -23.21 17.98 -5.14
CA GLU D 188 -24.07 18.14 -3.98
C GLU D 188 -25.54 18.09 -4.38
N SER D 189 -25.84 18.66 -5.55
CA SER D 189 -27.22 18.69 -6.04
C SER D 189 -27.73 17.30 -6.39
N ARG D 190 -26.80 16.34 -6.47
CA ARG D 190 -27.15 14.94 -6.79
C ARG D 190 -27.50 14.15 -5.53
N TYR D 191 -27.01 14.58 -4.38
CA TYR D 191 -27.24 13.92 -3.09
C TYR D 191 -28.65 14.12 -2.54
MN MN E . 15.46 2.60 13.66
MN MN F . 8.30 -5.11 28.31
MN MN G . -0.11 -3.52 -23.06
MN MN H . -14.43 7.36 -20.95
#